data_7D2F
#
_entry.id   7D2F
#
_cell.length_a   55.610
_cell.length_b   118.410
_cell.length_c   118.800
_cell.angle_alpha   90.000
_cell.angle_beta   90.000
_cell.angle_gamma   90.000
#
_symmetry.space_group_name_H-M   'P 21 21 21'
#
loop_
_entity.id
_entity.type
_entity.pdbx_description
1 polymer 'Major acid phosphatase'
2 non-polymer 'ADENOSINE MONOPHOSPHATE'
3 water water
#
_entity_poly.entity_id   1
_entity_poly.type   'polypeptide(L)'
_entity_poly.pdbx_seq_one_letter_code
;DKLIFAVDIIRHGDRTPIVALPTVNYQWQEGLGQLTAEGMQQEYKMGVAFRKKYIEESHLLPEHYEYGTIYVRSTDYART
LMSAQSLLMGLYPPGTGPTIPAGTSALPHAFQPIPVFSAPSKYDEVIIQQVDRKEREKLMEQYVFSTREWQQKNNELKDK
YPLWSRLTGINIDNLGDLETVGHTLYIHQIHNAPMPEGLASNDIETIINSAEWAFMAQEKPQQIANVYSSKLMTNIADYL
NSGSMKKSKLKYVLLSAHATTIASVLSFLGAPLEKSPPYASNVNFSLYDNGANYYTVKITYNGNPVSIPACGGSVCELQQ
LINLVHDS
;
_entity_poly.pdbx_strand_id   A,B
#
# COMPACT_ATOMS: atom_id res chain seq x y z
N ASP A 1 32.43 8.01 14.20
CA ASP A 1 31.52 8.40 13.05
C ASP A 1 30.32 7.45 13.02
N LYS A 2 29.19 7.88 13.60
CA LYS A 2 27.98 7.07 13.87
C LYS A 2 26.94 7.27 12.76
N LEU A 3 26.35 6.16 12.28
CA LEU A 3 25.21 6.13 11.33
C LEU A 3 23.93 6.44 12.12
N ILE A 4 23.18 7.49 11.76
CA ILE A 4 22.02 7.96 12.57
C ILE A 4 20.72 7.93 11.74
N PHE A 5 20.82 7.72 10.43
CA PHE A 5 19.66 7.66 9.50
C PHE A 5 20.12 6.98 8.21
N ALA A 6 19.23 6.28 7.52
CA ALA A 6 19.52 5.78 6.17
C ALA A 6 18.25 5.72 5.30
N VAL A 7 18.45 5.91 3.99
CA VAL A 7 17.42 5.80 2.92
C VAL A 7 17.90 4.79 1.87
N ASP A 8 17.07 3.79 1.59
CA ASP A 8 17.30 2.84 0.49
C ASP A 8 16.24 3.10 -0.57
N ILE A 9 16.68 3.27 -1.81
CA ILE A 9 15.80 3.08 -3.01
C ILE A 9 16.16 1.71 -3.56
N ILE A 10 15.17 0.88 -3.81
CA ILE A 10 15.37 -0.49 -4.37
C ILE A 10 14.66 -0.55 -5.71
N ARG A 11 15.21 -1.33 -6.63
CA ARG A 11 14.45 -1.93 -7.75
C ARG A 11 13.86 -3.25 -7.23
N HIS A 12 12.69 -3.57 -7.74
CA HIS A 12 11.99 -4.84 -7.45
C HIS A 12 12.83 -6.03 -7.95
N GLY A 13 12.35 -7.23 -7.63
CA GLY A 13 12.98 -8.49 -8.07
C GLY A 13 12.62 -8.87 -9.49
N ASP A 14 13.16 -10.00 -9.92
CA ASP A 14 12.89 -10.64 -11.22
C ASP A 14 11.40 -10.55 -11.54
N ARG A 15 11.05 -10.20 -12.78
CA ARG A 15 9.65 -10.06 -13.24
C ARG A 15 9.47 -10.66 -14.62
N THR A 16 8.20 -10.89 -14.97
CA THR A 16 7.73 -11.33 -16.32
C THR A 16 7.68 -10.10 -17.22
N PRO A 17 7.66 -10.27 -18.56
CA PRO A 17 7.60 -9.12 -19.47
C PRO A 17 6.35 -8.26 -19.27
N ILE A 18 6.40 -7.03 -19.77
CA ILE A 18 5.24 -6.10 -19.87
C ILE A 18 4.35 -6.55 -21.04
N VAL A 19 4.99 -6.99 -22.12
CA VAL A 19 4.41 -7.31 -23.46
C VAL A 19 4.93 -8.70 -23.83
N ALA A 20 4.04 -9.68 -23.89
CA ALA A 20 4.36 -10.99 -24.53
C ALA A 20 4.69 -10.73 -26.00
N LEU A 21 5.41 -11.66 -26.63
CA LEU A 21 5.69 -11.60 -28.09
C LEU A 21 4.60 -12.40 -28.76
N PRO A 22 3.73 -11.79 -29.60
CA PRO A 22 2.63 -12.54 -30.23
C PRO A 22 3.05 -13.72 -31.11
N THR A 23 4.34 -13.82 -31.47
CA THR A 23 4.91 -14.89 -32.34
C THR A 23 5.49 -16.02 -31.49
N VAL A 24 5.23 -16.03 -30.19
CA VAL A 24 5.76 -17.08 -29.27
C VAL A 24 4.59 -17.65 -28.48
N ASN A 25 4.39 -18.96 -28.58
CA ASN A 25 3.35 -19.71 -27.84
C ASN A 25 3.92 -19.96 -26.44
N TYR A 26 4.07 -18.91 -25.62
CA TYR A 26 4.56 -19.03 -24.22
C TYR A 26 3.78 -18.11 -23.28
N GLN A 27 3.32 -18.74 -22.21
CA GLN A 27 2.30 -18.21 -21.28
C GLN A 27 3.02 -17.96 -19.95
N TRP A 28 3.08 -16.71 -19.48
CA TRP A 28 3.70 -16.34 -18.19
C TRP A 28 2.66 -16.56 -17.07
N GLN A 29 2.88 -17.52 -16.16
CA GLN A 29 1.86 -17.96 -15.17
C GLN A 29 1.56 -16.85 -14.15
N GLU A 30 2.51 -15.97 -13.86
CA GLU A 30 2.34 -14.94 -12.82
C GLU A 30 1.48 -13.80 -13.35
N GLY A 31 1.33 -13.69 -14.67
CA GLY A 31 0.77 -12.50 -15.35
C GLY A 31 1.89 -11.63 -15.92
N LEU A 32 1.54 -10.59 -16.68
CA LEU A 32 2.51 -9.69 -17.35
C LEU A 32 3.00 -8.65 -16.33
N GLY A 33 4.33 -8.47 -16.21
CA GLY A 33 4.96 -7.44 -15.36
C GLY A 33 4.85 -7.75 -13.87
N GLN A 34 4.69 -9.02 -13.52
CA GLN A 34 4.47 -9.47 -12.14
C GLN A 34 5.74 -10.08 -11.58
N LEU A 35 5.85 -10.08 -10.27
CA LEU A 35 7.05 -10.58 -9.56
C LEU A 35 7.02 -12.10 -9.57
N THR A 36 8.17 -12.71 -9.80
CA THR A 36 8.33 -14.20 -9.86
C THR A 36 8.78 -14.73 -8.50
N ALA A 37 8.85 -16.05 -8.37
CA ALA A 37 9.41 -16.73 -7.19
C ALA A 37 10.88 -16.30 -7.02
N GLU A 38 11.67 -16.26 -8.09
CA GLU A 38 13.10 -15.88 -8.02
C GLU A 38 13.15 -14.46 -7.43
N GLY A 39 12.27 -13.58 -7.90
CA GLY A 39 12.31 -12.14 -7.61
C GLY A 39 12.00 -11.84 -6.14
N MET A 40 10.93 -12.45 -5.63
CA MET A 40 10.62 -12.56 -4.18
C MET A 40 11.88 -12.99 -3.40
N GLN A 41 12.54 -14.08 -3.81
CA GLN A 41 13.74 -14.64 -3.11
C GLN A 41 14.87 -13.61 -3.12
N GLN A 42 15.10 -12.95 -4.26
CA GLN A 42 16.14 -11.89 -4.40
C GLN A 42 15.84 -10.77 -3.40
N GLU A 43 14.62 -10.25 -3.40
CA GLU A 43 14.21 -9.14 -2.48
C GLU A 43 14.35 -9.59 -1.01
N TYR A 44 13.93 -10.82 -0.67
CA TYR A 44 14.11 -11.41 0.67
C TYR A 44 15.60 -11.40 1.05
N LYS A 45 16.50 -11.83 0.15
CA LYS A 45 17.95 -11.97 0.47
C LYS A 45 18.51 -10.59 0.84
N MET A 46 18.03 -9.54 0.17
CA MET A 46 18.47 -8.15 0.40
C MET A 46 18.00 -7.68 1.78
N GLY A 47 16.84 -8.17 2.23
CA GLY A 47 16.28 -7.95 3.58
C GLY A 47 17.22 -8.48 4.65
N VAL A 48 17.69 -9.71 4.48
CA VAL A 48 18.71 -10.37 5.35
C VAL A 48 19.96 -9.47 5.38
N ALA A 49 20.46 -9.08 4.22
CA ALA A 49 21.63 -8.18 4.05
C ALA A 49 21.37 -6.87 4.84
N PHE A 50 20.14 -6.36 4.73
CA PHE A 50 19.73 -5.08 5.35
C PHE A 50 19.63 -5.28 6.86
N ARG A 51 19.08 -6.43 7.28
CA ARG A 51 18.95 -6.79 8.71
C ARG A 51 20.35 -6.82 9.31
N LYS A 52 21.29 -7.46 8.61
CA LYS A 52 22.69 -7.65 9.12
C LYS A 52 23.33 -6.27 9.28
N LYS A 53 23.12 -5.39 8.32
CA LYS A 53 23.73 -4.05 8.25
C LYS A 53 23.06 -3.15 9.28
N TYR A 54 21.73 -3.04 9.22
CA TYR A 54 20.95 -2.02 9.96
C TYR A 54 20.60 -2.49 11.39
N ILE A 55 20.67 -3.79 11.71
CA ILE A 55 20.19 -4.33 13.03
C ILE A 55 21.33 -5.03 13.80
N GLU A 56 22.03 -6.00 13.19
CA GLU A 56 23.11 -6.81 13.83
C GLU A 56 24.38 -5.98 14.01
N GLU A 57 24.90 -5.38 12.94
CA GLU A 57 26.22 -4.67 12.92
C GLU A 57 26.09 -3.26 13.52
N SER A 58 24.99 -2.55 13.22
CA SER A 58 24.88 -1.08 13.22
C SER A 58 24.08 -0.55 14.42
N HIS A 59 23.02 -1.25 14.81
CA HIS A 59 22.05 -0.81 15.85
C HIS A 59 21.25 0.42 15.41
N LEU A 60 21.24 0.82 14.13
CA LEU A 60 20.37 1.92 13.62
C LEU A 60 18.90 1.66 14.03
N LEU A 61 18.41 0.43 13.80
CA LEU A 61 17.04 -0.03 14.09
C LEU A 61 17.09 -1.12 15.15
N PRO A 62 15.95 -1.45 15.79
CA PRO A 62 15.93 -2.48 16.83
C PRO A 62 15.78 -3.91 16.31
N GLU A 63 15.79 -4.89 17.21
CA GLU A 63 15.76 -6.33 16.89
C GLU A 63 14.36 -6.71 16.41
N HIS A 64 13.33 -6.34 17.18
CA HIS A 64 11.88 -6.50 16.82
C HIS A 64 11.36 -5.17 16.26
N TYR A 65 10.38 -5.23 15.35
CA TYR A 65 9.81 -4.06 14.64
C TYR A 65 9.19 -3.10 15.66
N GLU A 66 9.58 -1.83 15.59
CA GLU A 66 9.22 -0.81 16.61
C GLU A 66 8.58 0.39 15.91
N TYR A 67 7.42 0.83 16.39
CA TYR A 67 6.62 1.92 15.80
C TYR A 67 7.47 3.17 15.63
N GLY A 68 7.36 3.83 14.48
CA GLY A 68 7.89 5.18 14.27
C GLY A 68 9.32 5.18 13.76
N THR A 69 9.98 4.01 13.69
CA THR A 69 11.42 3.88 13.38
C THR A 69 11.66 3.71 11.86
N ILE A 70 10.76 3.05 11.13
CA ILE A 70 10.86 2.83 9.65
C ILE A 70 9.61 3.43 8.97
N TYR A 71 9.78 3.91 7.74
CA TYR A 71 8.69 4.29 6.80
C TYR A 71 8.94 3.58 5.45
N VAL A 72 8.03 2.70 5.05
CA VAL A 72 8.14 1.95 3.76
C VAL A 72 7.11 2.54 2.80
N ARG A 73 7.57 2.93 1.61
CA ARG A 73 6.73 3.55 0.55
C ARG A 73 7.03 2.84 -0.78
N SER A 74 5.97 2.48 -1.48
CA SER A 74 6.05 1.73 -2.76
C SER A 74 5.36 2.58 -3.82
N THR A 75 5.78 2.41 -5.06
CA THR A 75 5.01 2.86 -6.25
C THR A 75 3.76 1.98 -6.36
N ASP A 76 2.88 2.34 -7.29
CA ASP A 76 1.50 1.82 -7.47
C ASP A 76 1.53 0.53 -8.32
N TYR A 77 2.34 -0.47 -7.98
CA TYR A 77 2.53 -1.73 -8.76
C TYR A 77 2.64 -2.95 -7.85
N ALA A 78 2.12 -4.08 -8.31
CA ALA A 78 2.18 -5.37 -7.59
C ALA A 78 3.64 -5.72 -7.33
N ARG A 79 4.51 -5.51 -8.33
CA ARG A 79 5.91 -5.99 -8.23
C ARG A 79 6.59 -5.21 -7.13
N THR A 80 6.41 -3.90 -7.07
CA THR A 80 7.11 -3.07 -6.05
C THR A 80 6.51 -3.38 -4.68
N LEU A 81 5.19 -3.45 -4.59
CA LEU A 81 4.46 -3.81 -3.35
C LEU A 81 4.93 -5.17 -2.84
N MET A 82 4.94 -6.19 -3.69
CA MET A 82 5.29 -7.59 -3.29
C MET A 82 6.79 -7.70 -3.02
N SER A 83 7.61 -6.87 -3.67
CA SER A 83 9.07 -6.75 -3.41
C SER A 83 9.35 -6.25 -1.99
N ALA A 84 8.64 -5.21 -1.53
CA ALA A 84 8.82 -4.60 -0.18
C ALA A 84 8.37 -5.60 0.87
N GLN A 85 7.17 -6.14 0.69
CA GLN A 85 6.62 -7.21 1.54
C GLN A 85 7.68 -8.28 1.76
N SER A 86 8.29 -8.76 0.67
CA SER A 86 9.32 -9.83 0.64
C SER A 86 10.59 -9.37 1.34
N LEU A 87 11.10 -8.20 0.98
CA LEU A 87 12.33 -7.62 1.60
C LEU A 87 12.12 -7.52 3.09
N LEU A 88 10.94 -7.06 3.50
CA LEU A 88 10.57 -6.81 4.91
C LEU A 88 10.53 -8.13 5.70
N MET A 89 10.31 -9.25 5.01
CA MET A 89 10.36 -10.61 5.61
C MET A 89 11.82 -10.98 5.91
N GLY A 90 12.76 -10.41 5.16
CA GLY A 90 14.19 -10.50 5.48
C GLY A 90 14.56 -9.56 6.61
N LEU A 91 14.12 -8.30 6.52
CA LEU A 91 14.50 -7.23 7.49
C LEU A 91 13.94 -7.55 8.87
N TYR A 92 12.71 -8.06 8.94
CA TYR A 92 12.03 -8.49 10.20
C TYR A 92 11.43 -9.86 9.96
N PRO A 93 12.20 -10.96 10.15
CA PRO A 93 11.80 -12.26 9.65
C PRO A 93 10.87 -12.97 10.60
N PRO A 94 10.20 -14.06 10.15
CA PRO A 94 9.33 -14.81 11.03
C PRO A 94 10.14 -15.25 12.25
N GLY A 95 9.53 -15.24 13.43
CA GLY A 95 10.21 -15.47 14.71
C GLY A 95 10.42 -14.18 15.49
N THR A 96 10.40 -13.03 14.82
CA THR A 96 10.63 -11.69 15.45
C THR A 96 9.31 -10.94 15.64
N GLY A 97 8.20 -11.54 15.25
CA GLY A 97 6.90 -10.83 15.20
C GLY A 97 6.14 -10.94 16.51
N PRO A 98 5.05 -10.15 16.64
CA PRO A 98 4.28 -10.10 17.88
C PRO A 98 3.60 -11.39 18.37
N THR A 99 3.25 -11.37 19.66
CA THR A 99 2.79 -12.52 20.48
C THR A 99 1.58 -12.05 21.31
N ILE A 100 0.46 -12.78 21.34
CA ILE A 100 -0.72 -12.41 22.21
C ILE A 100 -0.38 -12.69 23.67
N PRO A 101 -1.19 -12.23 24.64
CA PRO A 101 -0.93 -12.47 26.07
C PRO A 101 -0.85 -13.94 26.53
N ALA A 102 -1.74 -14.79 26.01
CA ALA A 102 -1.65 -16.27 26.14
C ALA A 102 -0.23 -16.70 25.75
N GLY A 103 0.41 -15.96 24.85
CA GLY A 103 1.85 -16.11 24.53
C GLY A 103 2.14 -16.86 23.23
N THR A 104 1.12 -17.36 22.52
CA THR A 104 1.30 -17.87 21.14
C THR A 104 1.54 -16.70 20.17
N SER A 105 2.07 -17.00 19.01
CA SER A 105 2.38 -15.96 18.00
C SER A 105 1.04 -15.48 17.40
N ALA A 106 0.92 -14.17 17.12
CA ALA A 106 -0.36 -13.53 16.73
C ALA A 106 -0.68 -13.90 15.29
N LEU A 107 0.36 -14.15 14.50
CA LEU A 107 0.24 -14.68 13.13
C LEU A 107 1.06 -15.96 13.09
N PRO A 108 0.79 -16.86 12.11
CA PRO A 108 1.57 -18.08 11.92
C PRO A 108 3.08 -17.81 11.78
N HIS A 109 3.89 -18.60 12.49
CA HIS A 109 5.38 -18.57 12.47
C HIS A 109 5.93 -17.26 13.05
N ALA A 110 5.07 -16.51 13.76
CA ALA A 110 5.39 -15.20 14.39
C ALA A 110 5.83 -14.20 13.32
N PHE A 111 5.02 -14.07 12.26
CA PHE A 111 5.29 -13.16 11.14
C PHE A 111 5.11 -11.71 11.62
N GLN A 112 5.87 -10.80 11.02
CA GLN A 112 5.94 -9.38 11.43
C GLN A 112 5.29 -8.52 10.35
N PRO A 113 4.02 -8.12 10.54
CA PRO A 113 3.35 -7.30 9.54
C PRO A 113 4.02 -5.91 9.63
N ILE A 114 4.44 -5.37 8.48
CA ILE A 114 4.96 -3.97 8.32
C ILE A 114 4.17 -3.29 7.22
N PRO A 115 3.64 -2.08 7.48
CA PRO A 115 2.83 -1.39 6.50
C PRO A 115 3.67 -0.83 5.33
N VAL A 116 3.24 -1.10 4.10
CA VAL A 116 3.79 -0.46 2.85
C VAL A 116 2.80 0.60 2.31
N PHE A 117 3.12 1.87 2.53
CA PHE A 117 2.31 3.04 2.12
C PHE A 117 2.53 3.26 0.63
N SER A 118 1.61 3.96 -0.03
CA SER A 118 1.49 3.94 -1.50
C SER A 118 0.51 5.02 -1.98
N ALA A 119 0.69 5.46 -3.23
CA ALA A 119 -0.19 6.41 -3.95
C ALA A 119 -0.12 6.11 -5.43
N PRO A 120 -1.22 6.29 -6.20
CA PRO A 120 -1.14 6.27 -7.64
C PRO A 120 -0.17 7.37 -8.08
N SER A 121 0.49 7.12 -9.19
CA SER A 121 1.50 7.99 -9.82
C SER A 121 1.02 9.44 -9.87
N LYS A 122 -0.24 9.69 -10.24
CA LYS A 122 -0.74 11.08 -10.46
C LYS A 122 -1.14 11.72 -9.12
N TYR A 123 -0.96 11.01 -8.01
CA TYR A 123 -1.33 11.46 -6.64
C TYR A 123 -0.18 11.23 -5.65
N ASP A 124 1.02 10.96 -6.17
CA ASP A 124 2.17 10.50 -5.36
C ASP A 124 3.05 11.72 -5.04
N GLU A 125 3.01 12.21 -3.80
CA GLU A 125 3.81 13.37 -3.34
C GLU A 125 5.25 12.96 -2.98
N VAL A 126 5.58 11.66 -2.98
CA VAL A 126 6.89 11.13 -2.47
C VAL A 126 7.79 10.67 -3.64
N ILE A 127 7.40 9.59 -4.32
CA ILE A 127 8.31 8.88 -5.28
C ILE A 127 8.12 9.46 -6.68
N ILE A 128 7.01 9.11 -7.33
CA ILE A 128 6.82 9.35 -8.77
C ILE A 128 6.32 10.78 -9.02
N GLN A 129 6.94 11.46 -9.99
CA GLN A 129 6.49 12.75 -10.61
C GLN A 129 5.80 12.44 -11.95
N GLN A 130 4.52 12.78 -12.06
CA GLN A 130 3.67 12.39 -13.22
C GLN A 130 3.98 13.34 -14.37
N VAL A 131 4.33 12.79 -15.53
CA VAL A 131 4.59 13.62 -16.73
C VAL A 131 3.75 13.06 -17.88
N ASP A 132 2.74 13.83 -18.29
CA ASP A 132 1.84 13.45 -19.39
C ASP A 132 2.77 13.10 -20.57
N ARG A 133 2.41 12.06 -21.32
CA ARG A 133 3.27 11.48 -22.38
C ARG A 133 3.49 12.54 -23.49
N LYS A 134 2.69 13.61 -23.50
CA LYS A 134 2.89 14.81 -24.36
C LYS A 134 4.16 15.56 -23.92
N GLU A 135 4.27 15.95 -22.64
CA GLU A 135 5.42 16.74 -22.12
C GLU A 135 6.69 15.88 -22.14
N ARG A 136 6.57 14.56 -21.95
CA ARG A 136 7.73 13.66 -22.08
C ARG A 136 8.32 13.76 -23.50
N GLU A 137 7.47 13.93 -24.52
CA GLU A 137 7.93 13.96 -25.95
C GLU A 137 8.81 15.19 -26.19
N LYS A 138 8.52 16.33 -25.55
CA LYS A 138 9.29 17.58 -25.78
C LYS A 138 10.66 17.44 -25.10
N LEU A 139 10.71 16.79 -23.93
CA LEU A 139 11.98 16.55 -23.20
C LEU A 139 12.90 15.70 -24.09
N MET A 140 12.43 14.50 -24.45
CA MET A 140 13.10 13.54 -25.36
C MET A 140 13.57 14.26 -26.63
N GLU A 141 12.61 14.90 -27.32
CA GLU A 141 12.81 15.67 -28.58
C GLU A 141 13.97 16.68 -28.35
N GLN A 142 13.97 17.39 -27.22
CA GLN A 142 14.95 18.47 -26.92
C GLN A 142 16.33 17.91 -26.54
N TYR A 143 16.41 16.87 -25.70
CA TYR A 143 17.64 16.48 -24.96
C TYR A 143 18.23 15.14 -25.44
N VAL A 144 17.41 14.30 -26.07
CA VAL A 144 17.72 12.87 -26.38
C VAL A 144 17.68 12.65 -27.89
N PHE A 145 16.51 12.81 -28.52
CA PHE A 145 16.28 12.46 -29.95
C PHE A 145 17.10 13.41 -30.83
N SER A 146 17.53 14.55 -30.28
CA SER A 146 18.37 15.58 -30.96
C SER A 146 19.87 15.21 -30.94
N THR A 147 20.33 14.35 -30.03
CA THR A 147 21.76 13.95 -29.91
C THR A 147 22.15 13.13 -31.14
N ARG A 148 23.40 13.19 -31.61
CA ARG A 148 23.82 12.45 -32.84
C ARG A 148 23.93 10.96 -32.52
N GLU A 149 24.38 10.63 -31.31
CA GLU A 149 24.49 9.21 -30.83
C GLU A 149 23.13 8.53 -30.99
N TRP A 150 22.06 9.14 -30.47
CA TRP A 150 20.66 8.64 -30.64
C TRP A 150 20.36 8.40 -32.12
N GLN A 151 20.65 9.36 -32.98
CA GLN A 151 20.26 9.30 -34.43
C GLN A 151 21.20 8.36 -35.18
N GLN A 152 22.46 8.28 -34.78
CA GLN A 152 23.41 7.32 -35.41
C GLN A 152 22.88 5.91 -35.15
N LYS A 153 22.73 5.57 -33.86
CA LYS A 153 22.22 4.26 -33.38
C LYS A 153 21.00 3.87 -34.21
N ASN A 154 20.04 4.78 -34.33
CA ASN A 154 18.74 4.53 -35.02
C ASN A 154 19.00 4.21 -36.49
N ASN A 155 19.98 4.88 -37.11
CA ASN A 155 20.30 4.71 -38.55
C ASN A 155 20.94 3.34 -38.78
N GLU A 156 21.86 2.96 -37.90
CA GLU A 156 22.49 1.61 -37.87
C GLU A 156 21.41 0.52 -37.95
N LEU A 157 20.24 0.71 -37.32
CA LEU A 157 19.27 -0.39 -37.03
C LEU A 157 18.00 -0.32 -37.88
N LYS A 158 17.59 0.83 -38.39
CA LYS A 158 16.20 0.99 -38.87
C LYS A 158 15.94 0.09 -40.10
N ASP A 159 16.95 -0.27 -40.89
CA ASP A 159 16.76 -1.14 -42.09
C ASP A 159 16.20 -2.51 -41.67
N LYS A 160 16.44 -2.95 -40.42
CA LYS A 160 16.04 -4.29 -39.91
C LYS A 160 14.75 -4.24 -39.10
N TYR A 161 14.17 -3.04 -38.92
CA TYR A 161 12.92 -2.85 -38.13
C TYR A 161 11.74 -3.61 -38.74
N PRO A 162 11.52 -3.56 -40.08
CA PRO A 162 10.47 -4.36 -40.71
C PRO A 162 10.59 -5.85 -40.34
N LEU A 163 11.76 -6.46 -40.60
CA LEU A 163 11.99 -7.89 -40.30
C LEU A 163 11.71 -8.17 -38.82
N TRP A 164 12.16 -7.31 -37.92
CA TRP A 164 12.03 -7.55 -36.46
C TRP A 164 10.57 -7.43 -36.02
N SER A 165 9.84 -6.54 -36.69
CA SER A 165 8.40 -6.28 -36.47
C SER A 165 7.62 -7.58 -36.70
N ARG A 166 7.74 -8.17 -37.89
CA ARG A 166 7.14 -9.46 -38.33
C ARG A 166 7.44 -10.56 -37.30
N LEU A 167 8.75 -10.84 -37.08
CA LEU A 167 9.31 -11.98 -36.31
C LEU A 167 8.93 -11.96 -34.83
N THR A 168 9.00 -10.76 -34.21
CA THR A 168 8.62 -10.51 -32.81
C THR A 168 7.10 -10.30 -32.71
N GLY A 169 6.47 -9.93 -33.82
CA GLY A 169 5.05 -9.58 -33.88
C GLY A 169 4.77 -8.27 -33.15
N ILE A 170 5.80 -7.45 -32.96
CA ILE A 170 5.67 -6.10 -32.31
C ILE A 170 6.06 -5.04 -33.34
N ASN A 171 5.20 -4.05 -33.58
CA ASN A 171 5.42 -2.91 -34.52
C ASN A 171 6.64 -2.06 -34.06
N ILE A 172 7.73 -2.03 -34.82
CA ILE A 172 8.98 -1.30 -34.46
C ILE A 172 9.25 -0.23 -35.54
N ASP A 173 9.04 1.06 -35.23
CA ASP A 173 9.21 2.18 -36.20
C ASP A 173 10.46 3.01 -35.88
N ASN A 174 10.96 2.92 -34.65
CA ASN A 174 12.05 3.80 -34.13
C ASN A 174 12.78 3.11 -32.97
N LEU A 175 13.90 3.68 -32.53
CA LEU A 175 14.81 3.02 -31.54
C LEU A 175 14.10 2.79 -30.19
N GLY A 176 13.06 3.59 -29.86
CA GLY A 176 12.28 3.53 -28.62
C GLY A 176 11.22 2.43 -28.65
N ASP A 177 10.67 2.14 -29.82
CA ASP A 177 9.78 0.96 -30.01
C ASP A 177 10.59 -0.28 -29.62
N LEU A 178 11.87 -0.31 -30.06
CA LEU A 178 12.81 -1.45 -29.93
C LEU A 178 13.18 -1.70 -28.46
N GLU A 179 12.97 -0.72 -27.60
CA GLU A 179 13.41 -0.78 -26.18
C GLU A 179 12.58 -1.81 -25.40
N THR A 180 11.26 -1.80 -25.57
CA THR A 180 10.32 -2.78 -24.94
C THR A 180 10.62 -4.19 -25.43
N VAL A 181 10.80 -4.34 -26.76
CA VAL A 181 11.10 -5.62 -27.46
C VAL A 181 12.34 -6.24 -26.83
N GLY A 182 13.40 -5.43 -26.71
CA GLY A 182 14.74 -5.82 -26.23
C GLY A 182 14.67 -6.26 -24.79
N HIS A 183 13.83 -5.61 -24.00
CA HIS A 183 13.59 -5.92 -22.57
C HIS A 183 12.88 -7.28 -22.49
N THR A 184 11.84 -7.50 -23.29
CA THR A 184 11.09 -8.78 -23.34
C THR A 184 12.05 -9.92 -23.71
N LEU A 185 12.88 -9.74 -24.74
CA LEU A 185 13.81 -10.78 -25.23
C LEU A 185 14.81 -11.13 -24.12
N TYR A 186 15.28 -10.12 -23.39
CA TYR A 186 16.20 -10.32 -22.24
C TYR A 186 15.52 -11.19 -21.20
N ILE A 187 14.24 -10.94 -20.93
CA ILE A 187 13.45 -11.72 -19.93
C ILE A 187 13.25 -13.16 -20.42
N HIS A 188 12.95 -13.36 -21.71
CA HIS A 188 12.92 -14.71 -22.34
C HIS A 188 14.26 -15.41 -22.04
N GLN A 189 15.38 -14.70 -22.20
CA GLN A 189 16.74 -15.26 -22.06
C GLN A 189 16.92 -15.84 -20.64
N ILE A 190 16.58 -15.02 -19.63
CA ILE A 190 16.70 -15.33 -18.18
C ILE A 190 15.91 -16.59 -17.86
N HIS A 191 14.67 -16.69 -18.34
CA HIS A 191 13.72 -17.78 -18.00
C HIS A 191 13.74 -18.91 -19.03
N ASN A 192 14.68 -18.89 -19.98
CA ASN A 192 14.75 -19.95 -21.02
C ASN A 192 13.44 -20.05 -21.80
N ALA A 193 12.72 -18.94 -21.94
CA ALA A 193 11.44 -18.93 -22.68
C ALA A 193 11.78 -18.92 -24.17
N PRO A 194 10.99 -19.60 -25.01
CA PRO A 194 11.39 -19.79 -26.40
C PRO A 194 11.45 -18.47 -27.17
N MET A 195 12.36 -18.40 -28.14
CA MET A 195 12.59 -17.20 -28.96
C MET A 195 11.76 -17.31 -30.23
N PRO A 196 11.43 -16.20 -30.91
CA PRO A 196 10.77 -16.26 -32.21
C PRO A 196 11.65 -16.96 -33.26
N GLU A 197 11.11 -18.02 -33.87
CA GLU A 197 11.74 -18.87 -34.90
C GLU A 197 12.26 -17.95 -36.01
N GLY A 198 13.53 -18.11 -36.37
CA GLY A 198 14.19 -17.38 -37.47
C GLY A 198 15.01 -16.17 -37.00
N LEU A 199 14.69 -15.60 -35.84
CA LEU A 199 15.31 -14.35 -35.31
C LEU A 199 16.72 -14.70 -34.81
N ALA A 200 17.73 -14.21 -35.52
CA ALA A 200 19.14 -14.64 -35.45
C ALA A 200 19.74 -14.31 -34.08
N SER A 201 20.53 -15.21 -33.50
CA SER A 201 21.15 -14.97 -32.18
C SER A 201 21.86 -13.61 -32.22
N ASN A 202 22.63 -13.33 -33.27
CA ASN A 202 23.36 -12.03 -33.40
C ASN A 202 22.35 -10.89 -33.22
N ASP A 203 21.21 -10.94 -33.91
CA ASP A 203 20.16 -9.88 -33.85
C ASP A 203 19.55 -9.87 -32.44
N ILE A 204 19.29 -11.03 -31.83
CA ILE A 204 18.68 -11.07 -30.48
C ILE A 204 19.58 -10.22 -29.56
N GLU A 205 20.89 -10.39 -29.66
CA GLU A 205 21.87 -9.77 -28.73
C GLU A 205 21.96 -8.26 -29.03
N THR A 206 21.92 -7.87 -30.30
CA THR A 206 21.92 -6.43 -30.69
C THR A 206 20.68 -5.75 -30.14
N ILE A 207 19.51 -6.38 -30.33
CA ILE A 207 18.19 -5.80 -29.95
C ILE A 207 18.22 -5.56 -28.43
N ILE A 208 18.66 -6.54 -27.64
CA ILE A 208 18.77 -6.43 -26.16
C ILE A 208 19.73 -5.27 -25.82
N ASN A 209 20.97 -5.30 -26.28
CA ASN A 209 22.02 -4.31 -25.91
C ASN A 209 21.59 -2.91 -26.38
N SER A 210 20.98 -2.80 -27.57
CA SER A 210 20.49 -1.50 -28.09
C SER A 210 19.29 -0.99 -27.29
N ALA A 211 18.42 -1.89 -26.81
CA ALA A 211 17.25 -1.57 -25.96
C ALA A 211 17.74 -0.97 -24.64
N GLU A 212 18.70 -1.63 -24.00
CA GLU A 212 19.32 -1.16 -22.75
C GLU A 212 19.91 0.24 -22.98
N TRP A 213 20.57 0.42 -24.11
CA TRP A 213 21.33 1.65 -24.41
C TRP A 213 20.38 2.85 -24.55
N ALA A 214 19.28 2.65 -25.26
CA ALA A 214 18.25 3.68 -25.53
C ALA A 214 17.55 3.98 -24.22
N PHE A 215 17.43 2.96 -23.37
CA PHE A 215 16.77 3.10 -22.05
C PHE A 215 17.59 4.09 -21.22
N MET A 216 18.89 3.88 -21.12
CA MET A 216 19.80 4.70 -20.27
C MET A 216 20.00 6.06 -20.91
N ALA A 217 20.01 6.13 -22.25
CA ALA A 217 20.19 7.41 -22.99
C ALA A 217 19.02 8.35 -22.66
N GLN A 218 17.83 7.80 -22.39
CA GLN A 218 16.64 8.62 -22.01
C GLN A 218 16.78 9.15 -20.56
N GLU A 219 17.52 8.46 -19.70
CA GLU A 219 17.72 8.83 -18.28
C GLU A 219 18.93 9.77 -18.10
N LYS A 220 19.85 9.78 -19.07
CA LYS A 220 21.21 10.39 -18.98
C LYS A 220 21.12 11.90 -18.77
N PRO A 221 20.40 12.66 -19.61
CA PRO A 221 20.49 14.13 -19.54
C PRO A 221 20.00 14.58 -18.17
N GLN A 222 20.82 15.36 -17.47
CA GLN A 222 20.53 15.86 -16.11
C GLN A 222 19.18 16.60 -16.10
N GLN A 223 18.89 17.36 -17.17
CA GLN A 223 17.67 18.17 -17.32
C GLN A 223 16.46 17.28 -17.22
N ILE A 224 16.52 16.08 -17.82
CA ILE A 224 15.45 15.03 -17.75
C ILE A 224 15.33 14.59 -16.29
N ALA A 225 16.46 14.25 -15.67
CA ALA A 225 16.52 13.75 -14.27
C ALA A 225 15.92 14.80 -13.31
N ASN A 226 16.12 16.08 -13.59
CA ASN A 226 15.56 17.19 -12.75
C ASN A 226 14.02 17.16 -12.78
N VAL A 227 13.40 16.88 -13.93
CA VAL A 227 11.91 16.83 -14.01
C VAL A 227 11.40 15.63 -13.17
N TYR A 228 11.95 14.43 -13.33
CA TYR A 228 11.43 13.17 -12.71
C TYR A 228 11.84 13.04 -11.23
N SER A 229 12.99 13.57 -10.82
CA SER A 229 13.62 13.18 -9.54
C SER A 229 13.73 14.36 -8.55
N SER A 230 13.31 15.58 -8.92
CA SER A 230 13.35 16.74 -8.00
C SER A 230 12.54 16.42 -6.77
N LYS A 231 11.29 16.02 -6.96
CA LYS A 231 10.33 15.80 -5.86
C LYS A 231 10.90 14.69 -4.97
N LEU A 232 11.08 13.49 -5.52
CA LEU A 232 11.69 12.37 -4.75
C LEU A 232 12.97 12.86 -4.03
N MET A 233 13.81 13.68 -4.68
CA MET A 233 15.13 14.06 -4.09
C MET A 233 14.97 15.15 -3.03
N THR A 234 13.95 16.02 -3.13
CA THR A 234 13.65 17.03 -2.08
C THR A 234 13.18 16.28 -0.84
N ASN A 235 12.44 15.19 -1.05
CA ASN A 235 11.92 14.32 0.02
C ASN A 235 13.09 13.62 0.70
N ILE A 236 14.05 13.11 -0.06
CA ILE A 236 15.17 12.28 0.50
C ILE A 236 16.11 13.19 1.29
N ALA A 237 16.34 14.38 0.76
CA ALA A 237 17.10 15.47 1.42
C ALA A 237 16.38 15.85 2.72
N ASP A 238 15.04 15.90 2.72
CA ASP A 238 14.22 16.30 3.90
C ASP A 238 14.23 15.21 4.97
N TYR A 239 14.00 13.94 4.62
CA TYR A 239 14.13 12.79 5.54
C TYR A 239 15.49 12.87 6.25
N LEU A 240 16.54 13.17 5.47
CA LEU A 240 17.96 13.22 5.96
C LEU A 240 18.11 14.42 6.87
N ASN A 241 17.52 15.56 6.50
CA ASN A 241 17.64 16.81 7.28
C ASN A 241 17.00 16.60 8.66
N SER A 242 15.83 15.95 8.72
CA SER A 242 15.10 15.59 9.95
C SER A 242 15.97 14.69 10.83
N GLY A 243 16.62 13.71 10.21
CA GLY A 243 17.50 12.73 10.88
C GLY A 243 18.64 13.38 11.64
N SER A 244 19.24 14.44 11.08
CA SER A 244 20.37 15.20 11.70
C SER A 244 19.89 15.86 12.98
N MET A 245 18.64 16.34 13.00
CA MET A 245 18.06 17.04 14.17
C MET A 245 17.93 16.06 15.35
N LYS A 246 17.72 14.77 15.08
CA LYS A 246 17.68 13.66 16.10
C LYS A 246 16.55 13.89 17.12
N LYS A 247 15.42 14.48 16.71
CA LYS A 247 14.19 14.63 17.53
C LYS A 247 13.28 13.40 17.34
N SER A 248 13.19 12.87 16.11
CA SER A 248 12.21 11.83 15.69
C SER A 248 12.68 10.42 16.08
N LYS A 249 11.75 9.47 16.18
CA LYS A 249 12.07 8.02 16.25
C LYS A 249 12.60 7.54 14.89
N LEU A 250 12.27 8.24 13.81
CA LEU A 250 12.53 7.77 12.41
C LEU A 250 14.04 7.68 12.14
N LYS A 251 14.47 6.57 11.53
CA LYS A 251 15.89 6.23 11.24
C LYS A 251 16.05 5.66 9.82
N TYR A 252 14.98 5.13 9.24
CA TYR A 252 15.07 4.31 8.01
C TYR A 252 13.86 4.53 7.11
N VAL A 253 14.15 4.90 5.87
CA VAL A 253 13.15 5.01 4.77
C VAL A 253 13.53 4.02 3.67
N LEU A 254 12.59 3.16 3.34
CA LEU A 254 12.68 2.21 2.21
C LEU A 254 11.73 2.71 1.12
N LEU A 255 12.25 2.99 -0.06
CA LEU A 255 11.41 3.37 -1.21
C LEU A 255 11.51 2.25 -2.25
N SER A 256 10.40 1.55 -2.49
CA SER A 256 10.34 0.40 -3.44
C SER A 256 10.12 0.94 -4.86
N ALA A 257 11.16 1.41 -5.54
CA ALA A 257 11.05 2.09 -6.86
C ALA A 257 11.40 1.06 -7.94
N HIS A 258 11.73 1.53 -9.15
CA HIS A 258 12.14 0.65 -10.27
C HIS A 258 13.48 1.10 -10.85
N ALA A 259 13.88 0.51 -11.97
CA ALA A 259 15.14 0.85 -12.67
C ALA A 259 15.13 2.36 -12.96
N THR A 260 14.03 2.88 -13.50
CA THR A 260 13.91 4.32 -13.89
C THR A 260 14.27 5.18 -12.67
N THR A 261 13.75 4.86 -11.50
CA THR A 261 13.97 5.60 -10.23
C THR A 261 15.47 5.66 -9.93
N ILE A 262 16.16 4.52 -9.99
CA ILE A 262 17.59 4.39 -9.62
C ILE A 262 18.43 5.15 -10.64
N ALA A 263 18.22 4.87 -11.93
CA ALA A 263 18.93 5.51 -13.06
C ALA A 263 18.71 7.03 -13.01
N SER A 264 17.47 7.48 -12.80
CA SER A 264 17.14 8.93 -12.79
C SER A 264 17.71 9.65 -11.56
N VAL A 265 17.79 8.99 -10.39
CA VAL A 265 18.36 9.58 -9.13
C VAL A 265 19.87 9.80 -9.33
N LEU A 266 20.59 8.81 -9.84
CA LEU A 266 22.05 8.93 -10.06
C LEU A 266 22.33 10.00 -11.12
N SER A 267 21.52 10.02 -12.18
CA SER A 267 21.60 11.05 -13.24
C SER A 267 21.40 12.44 -12.61
N PHE A 268 20.39 12.60 -11.77
CA PHE A 268 20.09 13.88 -11.11
C PHE A 268 21.37 14.38 -10.40
N LEU A 269 22.13 13.45 -9.83
CA LEU A 269 23.31 13.76 -8.97
C LEU A 269 24.56 13.93 -9.82
N GLY A 270 24.46 13.84 -11.14
CA GLY A 270 25.58 14.03 -12.08
C GLY A 270 26.43 12.79 -12.27
N ALA A 271 25.87 11.59 -11.99
CA ALA A 271 26.59 10.29 -12.07
C ALA A 271 25.73 9.32 -12.88
N PRO A 272 25.25 9.77 -14.06
CA PRO A 272 24.36 8.96 -14.89
C PRO A 272 25.00 7.59 -15.12
N LEU A 273 24.19 6.55 -15.27
CA LEU A 273 24.67 5.16 -15.52
C LEU A 273 24.75 4.90 -17.02
N GLU A 274 25.67 4.00 -17.39
CA GLU A 274 25.81 3.32 -18.71
C GLU A 274 24.87 2.11 -18.82
N LYS A 275 24.70 1.29 -17.76
CA LYS A 275 24.01 -0.04 -17.78
C LYS A 275 22.78 -0.06 -16.85
N SER A 276 21.63 -0.55 -17.33
CA SER A 276 20.37 -0.76 -16.55
C SER A 276 20.66 -1.38 -15.19
N PRO A 277 20.11 -0.83 -14.09
CA PRO A 277 20.22 -1.45 -12.78
C PRO A 277 19.66 -2.87 -12.81
N PRO A 278 20.46 -3.91 -12.46
CA PRO A 278 19.93 -5.26 -12.28
C PRO A 278 18.81 -5.31 -11.23
N TYR A 279 18.00 -6.38 -11.25
CA TYR A 279 16.93 -6.63 -10.25
C TYR A 279 17.51 -6.52 -8.83
N ALA A 280 16.71 -6.01 -7.89
CA ALA A 280 17.12 -5.87 -6.47
C ALA A 280 18.37 -4.99 -6.35
N SER A 281 18.60 -4.08 -7.31
CA SER A 281 19.59 -2.99 -7.16
C SER A 281 19.08 -2.05 -6.06
N ASN A 282 19.98 -1.28 -5.43
CA ASN A 282 19.55 -0.22 -4.49
C ASN A 282 20.51 0.96 -4.61
N VAL A 283 20.00 2.16 -4.37
CA VAL A 283 20.83 3.37 -4.11
C VAL A 283 20.62 3.75 -2.65
N ASN A 284 21.71 3.92 -1.91
CA ASN A 284 21.68 4.10 -0.44
C ASN A 284 22.25 5.46 -0.05
N PHE A 285 21.52 6.21 0.77
CA PHE A 285 21.98 7.43 1.50
C PHE A 285 22.11 7.07 2.98
N SER A 286 23.30 7.18 3.54
CA SER A 286 23.59 6.91 4.97
C SER A 286 24.06 8.22 5.61
N LEU A 287 23.30 8.74 6.59
CA LEU A 287 23.62 9.99 7.30
C LEU A 287 24.53 9.63 8.48
N TYR A 288 25.67 10.32 8.58
CA TYR A 288 26.73 10.09 9.60
C TYR A 288 26.85 11.34 10.48
N ASP A 289 27.02 11.12 11.76
CA ASP A 289 27.17 12.17 12.81
C ASP A 289 28.64 12.14 13.23
N ASN A 290 29.41 13.13 12.77
CA ASN A 290 30.86 13.22 13.10
C ASN A 290 31.01 13.34 14.62
N GLY A 291 29.93 13.63 15.33
CA GLY A 291 30.00 13.73 16.80
C GLY A 291 29.92 15.17 17.26
N ALA A 292 30.22 16.13 16.40
CA ALA A 292 30.21 17.55 16.83
C ALA A 292 29.44 18.44 15.86
N ASN A 293 28.21 18.05 15.53
CA ASN A 293 27.25 18.75 14.63
C ASN A 293 27.78 18.87 13.18
N TYR A 294 28.70 18.00 12.76
CA TYR A 294 29.09 17.89 11.32
C TYR A 294 28.47 16.61 10.72
N TYR A 295 27.45 16.74 9.88
CA TYR A 295 26.77 15.58 9.22
C TYR A 295 27.29 15.43 7.78
N THR A 296 27.70 14.21 7.43
CA THR A 296 28.07 13.78 6.06
C THR A 296 26.98 12.82 5.55
N VAL A 297 26.80 12.71 4.24
CA VAL A 297 25.83 11.74 3.63
C VAL A 297 26.58 10.91 2.59
N LYS A 298 26.88 9.64 2.91
CA LYS A 298 27.58 8.67 2.02
C LYS A 298 26.56 8.02 1.10
N ILE A 299 26.80 8.12 -0.21
CA ILE A 299 25.86 7.68 -1.29
C ILE A 299 26.53 6.55 -2.06
N THR A 300 25.84 5.41 -2.09
CA THR A 300 26.31 4.15 -2.71
C THR A 300 25.24 3.68 -3.70
N TYR A 301 25.67 2.90 -4.70
CA TYR A 301 24.81 2.14 -5.64
C TYR A 301 25.26 0.69 -5.63
N ASN A 302 24.44 -0.22 -5.09
CA ASN A 302 24.75 -1.67 -4.99
C ASN A 302 26.08 -1.79 -4.21
N GLY A 303 26.20 -1.05 -3.10
CA GLY A 303 27.32 -1.13 -2.15
C GLY A 303 28.53 -0.32 -2.59
N ASN A 304 28.44 0.34 -3.75
CA ASN A 304 29.62 0.97 -4.41
C ASN A 304 29.48 2.48 -4.38
N PRO A 305 30.59 3.18 -4.10
CA PRO A 305 30.60 4.63 -3.94
C PRO A 305 30.26 5.31 -5.27
N VAL A 306 29.15 6.07 -5.27
CA VAL A 306 28.75 6.92 -6.42
C VAL A 306 29.58 8.20 -6.34
N SER A 307 30.23 8.63 -7.41
CA SER A 307 31.06 9.86 -7.38
C SER A 307 30.24 11.04 -7.91
N ILE A 308 29.71 11.86 -6.99
CA ILE A 308 28.94 13.10 -7.30
C ILE A 308 29.91 14.26 -7.49
N PRO A 309 29.96 14.84 -8.72
CA PRO A 309 30.84 15.96 -9.03
C PRO A 309 30.78 17.19 -8.11
N ALA A 310 29.57 17.62 -7.75
CA ALA A 310 29.30 18.74 -6.82
C ALA A 310 29.86 18.45 -5.41
N CYS A 311 30.07 17.19 -5.02
CA CYS A 311 30.60 16.78 -3.68
C CYS A 311 32.04 16.27 -3.81
N GLY A 312 32.58 16.25 -5.03
CA GLY A 312 33.92 15.71 -5.38
C GLY A 312 34.13 14.28 -4.92
N GLY A 313 33.08 13.46 -4.78
CA GLY A 313 33.23 12.09 -4.26
C GLY A 313 31.91 11.47 -3.89
N SER A 314 31.95 10.33 -3.18
CA SER A 314 30.77 9.54 -2.76
C SER A 314 30.19 10.12 -1.46
N VAL A 315 30.96 10.98 -0.78
CA VAL A 315 30.51 11.62 0.49
C VAL A 315 30.20 13.10 0.20
N CYS A 316 28.98 13.53 0.52
CA CYS A 316 28.57 14.94 0.61
C CYS A 316 28.42 15.34 2.09
N GLU A 317 28.62 16.61 2.39
CA GLU A 317 28.15 17.28 3.64
C GLU A 317 26.63 17.50 3.54
N LEU A 318 25.90 17.32 4.64
CA LEU A 318 24.43 17.23 4.65
C LEU A 318 23.83 18.44 3.92
N GLN A 319 24.28 19.67 4.20
CA GLN A 319 23.69 20.90 3.59
C GLN A 319 24.16 21.07 2.13
N GLN A 320 25.41 20.72 1.81
CA GLN A 320 25.92 20.63 0.41
C GLN A 320 24.95 19.78 -0.45
N LEU A 321 24.49 18.63 0.07
CA LEU A 321 23.55 17.72 -0.66
C LEU A 321 22.16 18.36 -0.69
N ILE A 322 21.76 19.09 0.34
CA ILE A 322 20.41 19.74 0.35
C ILE A 322 20.40 20.86 -0.69
N ASN A 323 21.51 21.60 -0.79
CA ASN A 323 21.70 22.70 -1.78
C ASN A 323 21.75 22.17 -3.22
N LEU A 324 22.53 21.10 -3.48
CA LEU A 324 22.60 20.35 -4.76
C LEU A 324 21.16 20.04 -5.20
N VAL A 325 20.33 19.54 -4.29
CA VAL A 325 18.91 19.18 -4.60
C VAL A 325 18.17 20.47 -4.97
N HIS A 326 18.24 21.47 -4.09
CA HIS A 326 17.54 22.77 -4.28
C HIS A 326 17.95 23.42 -5.64
N ASP A 327 19.24 23.32 -6.01
CA ASP A 327 19.84 23.86 -7.26
C ASP A 327 18.89 23.62 -8.46
N SER A 328 18.33 22.41 -8.58
CA SER A 328 17.41 22.02 -9.69
C SER A 328 16.12 22.85 -9.61
N ASP B 1 -27.61 -22.21 -7.28
CA ASP B 1 -27.12 -20.80 -7.05
C ASP B 1 -25.59 -20.88 -6.83
N LYS B 2 -24.83 -20.21 -7.70
CA LYS B 2 -23.35 -20.23 -7.70
C LYS B 2 -22.82 -18.83 -7.31
N LEU B 3 -21.81 -18.79 -6.45
CA LEU B 3 -21.11 -17.54 -6.07
C LEU B 3 -20.12 -17.20 -7.19
N ILE B 4 -20.30 -16.06 -7.87
CA ILE B 4 -19.49 -15.67 -9.06
C ILE B 4 -18.70 -14.38 -8.78
N PHE B 5 -18.96 -13.68 -7.68
CA PHE B 5 -18.15 -12.50 -7.26
C PHE B 5 -18.45 -12.18 -5.80
N ALA B 6 -17.53 -11.50 -5.10
CA ALA B 6 -17.77 -11.02 -3.73
C ALA B 6 -16.89 -9.80 -3.41
N VAL B 7 -17.48 -8.85 -2.68
CA VAL B 7 -16.83 -7.62 -2.13
C VAL B 7 -16.85 -7.71 -0.60
N ASP B 8 -15.72 -7.47 0.05
CA ASP B 8 -15.64 -7.40 1.53
C ASP B 8 -15.14 -6.02 1.93
N ILE B 9 -15.99 -5.26 2.60
CA ILE B 9 -15.52 -4.13 3.44
C ILE B 9 -15.23 -4.71 4.82
N ILE B 10 -14.02 -4.51 5.34
CA ILE B 10 -13.68 -5.01 6.70
C ILE B 10 -13.27 -3.84 7.56
N ARG B 11 -13.29 -4.03 8.86
CA ARG B 11 -12.70 -3.01 9.74
C ARG B 11 -11.34 -3.57 10.12
N HIS B 12 -10.43 -2.71 10.54
CA HIS B 12 -9.12 -3.18 11.06
C HIS B 12 -9.35 -3.84 12.41
N GLY B 13 -8.36 -4.56 12.90
CA GLY B 13 -8.51 -5.20 14.21
C GLY B 13 -8.21 -4.29 15.37
N ASP B 14 -8.16 -4.86 16.56
CA ASP B 14 -7.91 -4.16 17.85
C ASP B 14 -6.71 -3.21 17.70
N ARG B 15 -6.91 -1.95 18.11
CA ARG B 15 -5.93 -0.86 17.91
C ARG B 15 -5.71 -0.12 19.24
N THR B 16 -4.63 0.64 19.28
CA THR B 16 -4.31 1.63 20.34
C THR B 16 -5.15 2.89 20.10
N PRO B 17 -5.31 3.74 21.13
CA PRO B 17 -6.08 4.96 20.97
C PRO B 17 -5.33 5.95 20.06
N ILE B 18 -6.10 6.86 19.44
CA ILE B 18 -5.60 7.95 18.54
C ILE B 18 -4.89 8.99 19.43
N VAL B 19 -5.54 9.40 20.53
CA VAL B 19 -5.01 10.40 21.49
C VAL B 19 -4.64 9.70 22.79
N ALA B 20 -3.59 10.19 23.45
CA ALA B 20 -3.26 9.86 24.85
C ALA B 20 -4.08 10.80 25.76
N LEU B 21 -4.47 10.31 26.92
CA LEU B 21 -5.16 11.10 27.98
C LEU B 21 -4.10 11.91 28.75
N PRO B 22 -4.14 13.26 28.68
CA PRO B 22 -3.13 14.12 29.35
C PRO B 22 -2.96 14.01 30.88
N THR B 23 -3.78 13.19 31.55
CA THR B 23 -3.72 12.97 33.02
C THR B 23 -3.38 11.52 33.34
N VAL B 24 -3.07 10.73 32.33
CA VAL B 24 -2.52 9.35 32.50
C VAL B 24 -1.20 9.30 31.72
N ASN B 25 -0.11 9.00 32.41
CA ASN B 25 1.15 8.61 31.72
C ASN B 25 1.00 7.12 31.36
N TYR B 26 0.72 6.81 30.10
CA TYR B 26 0.75 5.43 29.57
C TYR B 26 1.37 5.43 28.17
N GLN B 27 2.58 4.88 28.11
CA GLN B 27 3.27 4.55 26.85
C GLN B 27 2.49 3.38 26.23
N TRP B 28 1.78 3.65 25.13
CA TRP B 28 1.26 2.59 24.23
C TRP B 28 2.44 2.04 23.43
N GLN B 29 2.82 0.78 23.66
CA GLN B 29 4.02 0.11 23.07
C GLN B 29 3.99 0.16 21.54
N GLU B 30 2.82 -0.15 20.97
CA GLU B 30 2.62 -0.30 19.51
C GLU B 30 2.63 1.09 18.87
N GLY B 31 2.45 2.15 19.67
CA GLY B 31 2.20 3.55 19.23
C GLY B 31 0.70 3.89 19.19
N LEU B 32 0.35 5.11 18.80
CA LEU B 32 -1.06 5.55 18.68
C LEU B 32 -1.63 5.16 17.30
N GLY B 33 -2.86 4.67 17.29
CA GLY B 33 -3.62 4.31 16.09
C GLY B 33 -3.09 3.05 15.42
N GLN B 34 -2.39 2.20 16.17
CA GLN B 34 -1.62 1.05 15.61
C GLN B 34 -2.28 -0.28 15.98
N LEU B 35 -2.28 -1.21 15.03
CA LEU B 35 -2.75 -2.60 15.21
C LEU B 35 -1.95 -3.26 16.33
N THR B 36 -2.65 -3.86 17.29
CA THR B 36 -2.06 -4.68 18.38
C THR B 36 -2.02 -6.13 17.88
N ALA B 37 -1.29 -6.99 18.58
CA ALA B 37 -1.09 -8.41 18.20
C ALA B 37 -2.45 -9.11 18.19
N GLU B 38 -3.28 -8.83 19.19
CA GLU B 38 -4.70 -9.30 19.29
C GLU B 38 -5.41 -9.01 17.96
N GLY B 39 -5.30 -7.75 17.48
CA GLY B 39 -5.87 -7.27 16.20
C GLY B 39 -5.33 -8.03 15.01
N MET B 40 -4.04 -8.36 15.02
CA MET B 40 -3.40 -9.17 13.94
C MET B 40 -4.05 -10.56 13.93
N GLN B 41 -4.25 -11.18 15.09
CA GLN B 41 -4.95 -12.49 15.15
C GLN B 41 -6.44 -12.36 14.78
N GLN B 42 -7.12 -11.29 15.20
CA GLN B 42 -8.54 -11.10 14.84
C GLN B 42 -8.68 -11.15 13.31
N GLU B 43 -7.79 -10.49 12.57
CA GLU B 43 -7.92 -10.28 11.09
C GLU B 43 -7.50 -11.56 10.34
N TYR B 44 -6.42 -12.17 10.81
CA TYR B 44 -5.93 -13.49 10.35
C TYR B 44 -7.05 -14.54 10.44
N LYS B 45 -7.73 -14.64 11.58
CA LYS B 45 -8.84 -15.61 11.76
C LYS B 45 -10.04 -15.26 10.87
N MET B 46 -10.28 -14.00 10.55
CA MET B 46 -11.34 -13.62 9.58
C MET B 46 -10.88 -14.01 8.16
N GLY B 47 -9.56 -14.02 7.92
CA GLY B 47 -8.94 -14.51 6.68
C GLY B 47 -9.17 -15.99 6.48
N VAL B 48 -8.99 -16.79 7.54
CA VAL B 48 -9.18 -18.27 7.50
C VAL B 48 -10.65 -18.56 7.15
N ALA B 49 -11.59 -17.86 7.79
CA ALA B 49 -13.05 -18.00 7.54
C ALA B 49 -13.36 -17.64 6.07
N PHE B 50 -12.79 -16.55 5.58
CA PHE B 50 -12.81 -16.15 4.15
C PHE B 50 -12.27 -17.30 3.27
N ARG B 51 -11.16 -17.97 3.67
CA ARG B 51 -10.56 -19.07 2.87
C ARG B 51 -11.59 -20.20 2.73
N LYS B 52 -12.03 -20.69 3.88
CA LYS B 52 -13.10 -21.70 4.03
C LYS B 52 -14.32 -21.33 3.17
N LYS B 53 -14.76 -20.07 3.19
CA LYS B 53 -15.97 -19.62 2.46
C LYS B 53 -15.71 -19.47 0.95
N TYR B 54 -14.57 -18.89 0.55
CA TYR B 54 -14.31 -18.46 -0.86
C TYR B 54 -13.56 -19.53 -1.64
N ILE B 55 -12.91 -20.50 -0.99
CA ILE B 55 -11.92 -21.42 -1.66
C ILE B 55 -12.27 -22.89 -1.41
N GLU B 56 -12.55 -23.28 -0.17
CA GLU B 56 -12.90 -24.69 0.19
C GLU B 56 -14.35 -25.00 -0.20
N GLU B 57 -15.30 -24.14 0.22
CA GLU B 57 -16.76 -24.41 0.15
C GLU B 57 -17.34 -23.98 -1.20
N SER B 58 -16.89 -22.87 -1.79
CA SER B 58 -17.46 -22.31 -3.06
C SER B 58 -16.58 -22.54 -4.29
N HIS B 59 -15.24 -22.53 -4.18
CA HIS B 59 -14.32 -22.57 -5.36
C HIS B 59 -14.23 -21.24 -6.11
N LEU B 60 -14.88 -20.17 -5.62
CA LEU B 60 -14.87 -18.80 -6.23
C LEU B 60 -13.44 -18.33 -6.53
N LEU B 61 -12.47 -18.74 -5.68
CA LEU B 61 -11.02 -18.41 -5.80
C LEU B 61 -10.23 -19.72 -5.74
N PRO B 62 -9.03 -19.78 -6.38
CA PRO B 62 -8.24 -21.00 -6.36
C PRO B 62 -7.62 -21.18 -4.98
N GLU B 63 -6.85 -22.25 -4.82
CA GLU B 63 -6.26 -22.64 -3.54
C GLU B 63 -5.00 -21.81 -3.29
N HIS B 64 -4.26 -21.49 -4.37
CA HIS B 64 -3.03 -20.67 -4.34
C HIS B 64 -3.30 -19.35 -5.06
N TYR B 65 -2.83 -18.21 -4.52
CA TYR B 65 -3.01 -16.85 -5.08
C TYR B 65 -2.64 -16.85 -6.57
N GLU B 66 -3.55 -16.34 -7.40
CA GLU B 66 -3.43 -16.23 -8.87
C GLU B 66 -3.63 -14.75 -9.29
N TYR B 67 -2.89 -14.25 -10.29
CA TYR B 67 -2.98 -12.85 -10.80
C TYR B 67 -4.36 -12.62 -11.43
N GLY B 68 -4.91 -11.41 -11.32
CA GLY B 68 -6.16 -11.01 -11.99
C GLY B 68 -7.42 -11.27 -11.16
N THR B 69 -7.35 -12.17 -10.15
CA THR B 69 -8.52 -12.81 -9.46
C THR B 69 -9.03 -11.97 -8.27
N ILE B 70 -8.13 -11.34 -7.51
CA ILE B 70 -8.46 -10.55 -6.29
C ILE B 70 -7.96 -9.13 -6.51
N TYR B 71 -8.61 -8.15 -5.87
CA TYR B 71 -8.09 -6.77 -5.74
C TYR B 71 -8.20 -6.36 -4.26
N VAL B 72 -7.12 -5.83 -3.69
CA VAL B 72 -7.10 -5.40 -2.27
C VAL B 72 -6.65 -3.95 -2.23
N ARG B 73 -7.52 -3.10 -1.71
CA ARG B 73 -7.27 -1.67 -1.50
C ARG B 73 -7.50 -1.40 -0.01
N SER B 74 -6.58 -0.68 0.64
CA SER B 74 -6.65 -0.20 2.04
C SER B 74 -6.73 1.32 2.04
N THR B 75 -7.08 1.92 3.17
CA THR B 75 -6.92 3.37 3.45
C THR B 75 -5.45 3.65 3.73
N ASP B 76 -5.10 4.93 3.89
CA ASP B 76 -3.70 5.45 3.98
C ASP B 76 -3.22 5.38 5.44
N TYR B 77 -3.62 4.33 6.17
CA TYR B 77 -3.26 4.10 7.60
C TYR B 77 -2.50 2.79 7.74
N ALA B 78 -1.48 2.81 8.59
CA ALA B 78 -0.68 1.64 9.06
C ALA B 78 -1.62 0.48 9.43
N ARG B 79 -2.69 0.79 10.15
CA ARG B 79 -3.45 -0.25 10.88
C ARG B 79 -4.34 -1.00 9.88
N THR B 80 -4.83 -0.32 8.84
CA THR B 80 -5.69 -0.95 7.80
C THR B 80 -4.78 -1.77 6.87
N LEU B 81 -3.63 -1.20 6.46
CA LEU B 81 -2.58 -1.95 5.68
C LEU B 81 -2.17 -3.20 6.44
N MET B 82 -1.87 -3.09 7.73
CA MET B 82 -1.37 -4.23 8.56
C MET B 82 -2.51 -5.22 8.84
N SER B 83 -3.75 -4.75 8.99
CA SER B 83 -4.97 -5.59 9.11
C SER B 83 -5.17 -6.39 7.82
N ALA B 84 -5.01 -5.73 6.66
CA ALA B 84 -5.12 -6.30 5.29
C ALA B 84 -4.06 -7.39 5.09
N GLN B 85 -2.82 -7.14 5.54
CA GLN B 85 -1.69 -8.10 5.38
C GLN B 85 -1.97 -9.33 6.25
N SER B 86 -2.32 -9.11 7.51
CA SER B 86 -2.75 -10.17 8.47
C SER B 86 -3.87 -11.01 7.86
N LEU B 87 -4.92 -10.39 7.32
CA LEU B 87 -6.11 -11.12 6.83
C LEU B 87 -5.74 -12.02 5.65
N LEU B 88 -4.93 -11.51 4.72
CA LEU B 88 -4.56 -12.21 3.45
C LEU B 88 -3.61 -13.36 3.79
N MET B 89 -2.97 -13.27 4.94
CA MET B 89 -2.12 -14.34 5.47
C MET B 89 -3.00 -15.51 5.95
N GLY B 90 -4.26 -15.22 6.27
CA GLY B 90 -5.27 -16.24 6.62
C GLY B 90 -5.92 -16.82 5.39
N LEU B 91 -6.19 -15.95 4.41
CA LEU B 91 -6.86 -16.31 3.13
C LEU B 91 -5.94 -17.22 2.31
N TYR B 92 -4.69 -16.80 2.13
CA TYR B 92 -3.62 -17.50 1.37
C TYR B 92 -2.42 -17.68 2.30
N PRO B 93 -2.42 -18.73 3.16
CA PRO B 93 -1.48 -18.83 4.27
C PRO B 93 -0.13 -19.41 3.89
N PRO B 94 0.88 -19.41 4.79
CA PRO B 94 2.16 -20.09 4.53
C PRO B 94 1.95 -21.60 4.31
N GLY B 95 2.64 -22.16 3.32
CA GLY B 95 2.38 -23.50 2.76
C GLY B 95 1.81 -23.39 1.35
N THR B 96 1.13 -22.27 1.03
CA THR B 96 0.54 -22.05 -0.31
C THR B 96 1.38 -21.06 -1.12
N GLY B 97 2.39 -20.42 -0.50
CA GLY B 97 3.30 -19.47 -1.18
C GLY B 97 4.03 -20.12 -2.36
N PRO B 98 4.52 -19.32 -3.34
CA PRO B 98 5.17 -19.89 -4.51
C PRO B 98 6.55 -20.45 -4.15
N THR B 99 7.12 -21.15 -5.12
CA THR B 99 8.39 -21.90 -4.96
C THR B 99 9.25 -21.64 -6.19
N ILE B 100 10.56 -21.72 -6.06
CA ILE B 100 11.52 -21.51 -7.18
C ILE B 100 11.56 -22.77 -8.04
N PRO B 101 12.11 -22.72 -9.27
CA PRO B 101 12.22 -23.91 -10.10
C PRO B 101 12.77 -25.14 -9.36
N ALA B 102 13.93 -25.00 -8.68
CA ALA B 102 14.62 -26.10 -7.98
C ALA B 102 13.61 -26.90 -7.16
N GLY B 103 12.67 -26.21 -6.48
CA GLY B 103 11.46 -26.79 -5.86
C GLY B 103 11.18 -26.27 -4.45
N THR B 104 12.15 -25.57 -3.86
CA THR B 104 12.13 -25.02 -2.47
C THR B 104 11.39 -23.68 -2.45
N SER B 105 10.83 -23.31 -1.30
CA SER B 105 9.87 -22.17 -1.26
C SER B 105 10.65 -20.86 -1.35
N ALA B 106 10.08 -19.89 -2.08
CA ALA B 106 10.73 -18.62 -2.46
C ALA B 106 10.96 -17.76 -1.21
N LEU B 107 9.98 -17.78 -0.30
CA LEU B 107 10.07 -17.10 1.01
C LEU B 107 9.99 -18.13 2.12
N PRO B 108 10.49 -17.81 3.32
CA PRO B 108 10.43 -18.75 4.43
C PRO B 108 8.99 -19.18 4.70
N HIS B 109 8.82 -20.46 5.06
CA HIS B 109 7.53 -21.13 5.39
C HIS B 109 6.56 -21.04 4.21
N ALA B 110 7.06 -20.64 3.03
CA ALA B 110 6.28 -20.47 1.79
C ALA B 110 5.14 -19.48 2.08
N PHE B 111 5.45 -18.32 2.65
CA PHE B 111 4.50 -17.19 2.74
C PHE B 111 4.19 -16.72 1.32
N GLN B 112 3.02 -16.12 1.16
CA GLN B 112 2.47 -15.65 -0.13
C GLN B 112 2.35 -14.13 -0.10
N PRO B 113 3.24 -13.36 -0.76
CA PRO B 113 3.01 -11.95 -0.99
C PRO B 113 1.73 -11.69 -1.81
N ILE B 114 0.95 -10.70 -1.36
CA ILE B 114 -0.27 -10.19 -2.06
C ILE B 114 -0.30 -8.67 -1.92
N PRO B 115 -0.39 -7.92 -3.04
CA PRO B 115 -0.25 -6.47 -3.01
C PRO B 115 -1.46 -5.78 -2.39
N VAL B 116 -1.25 -4.87 -1.44
CA VAL B 116 -2.33 -4.04 -0.86
C VAL B 116 -2.15 -2.61 -1.35
N PHE B 117 -2.89 -2.27 -2.41
CA PHE B 117 -2.91 -0.95 -3.07
C PHE B 117 -3.60 0.02 -2.12
N SER B 118 -3.51 1.32 -2.35
CA SER B 118 -3.85 2.35 -1.34
C SER B 118 -3.66 3.75 -1.92
N ALA B 119 -4.37 4.74 -1.40
CA ALA B 119 -4.18 6.17 -1.78
C ALA B 119 -4.42 7.06 -0.58
N PRO B 120 -3.77 8.25 -0.54
CA PRO B 120 -4.04 9.22 0.52
C PRO B 120 -5.52 9.59 0.43
N SER B 121 -6.10 9.99 1.57
CA SER B 121 -7.56 10.21 1.76
C SER B 121 -8.08 11.24 0.78
N LYS B 122 -7.23 12.21 0.44
CA LYS B 122 -7.57 13.37 -0.43
C LYS B 122 -7.47 13.00 -1.91
N TYR B 123 -6.88 11.86 -2.23
CA TYR B 123 -6.68 11.38 -3.62
C TYR B 123 -7.28 9.97 -3.83
N ASP B 124 -8.18 9.55 -2.95
CA ASP B 124 -8.75 8.17 -2.93
C ASP B 124 -9.97 8.14 -3.87
N GLU B 125 -9.84 7.43 -4.99
CA GLU B 125 -10.93 7.27 -6.00
C GLU B 125 -11.78 6.06 -5.64
N VAL B 126 -11.47 5.30 -4.57
CA VAL B 126 -12.17 4.01 -4.30
C VAL B 126 -12.93 4.01 -2.96
N ILE B 127 -12.33 4.43 -1.85
CA ILE B 127 -12.97 4.26 -0.50
C ILE B 127 -13.51 5.60 0.01
N ILE B 128 -12.61 6.55 0.25
CA ILE B 128 -12.91 7.75 1.09
C ILE B 128 -13.27 8.91 0.19
N GLN B 129 -14.42 9.54 0.46
CA GLN B 129 -14.78 10.88 -0.08
C GLN B 129 -14.33 11.91 0.95
N GLN B 130 -13.39 12.76 0.56
CA GLN B 130 -13.05 13.96 1.35
C GLN B 130 -14.27 14.88 1.41
N VAL B 131 -14.51 15.45 2.57
CA VAL B 131 -15.55 16.49 2.79
C VAL B 131 -14.92 17.60 3.63
N ASP B 132 -15.04 18.84 3.17
CA ASP B 132 -14.45 20.03 3.84
C ASP B 132 -15.05 20.15 5.26
N ARG B 133 -14.17 20.39 6.24
CA ARG B 133 -14.47 20.61 7.69
C ARG B 133 -15.78 21.39 7.83
N LYS B 134 -15.81 22.55 7.16
CA LYS B 134 -16.93 23.53 7.22
C LYS B 134 -18.21 22.81 6.73
N GLU B 135 -18.11 21.94 5.72
CA GLU B 135 -19.29 21.28 5.08
C GLU B 135 -19.82 20.12 5.92
N ARG B 136 -18.97 19.45 6.69
CA ARG B 136 -19.40 18.36 7.60
C ARG B 136 -20.20 18.99 8.75
N GLU B 137 -19.73 20.15 9.24
CA GLU B 137 -20.40 20.91 10.34
C GLU B 137 -21.78 21.34 9.82
N LYS B 138 -21.87 21.77 8.55
CA LYS B 138 -23.14 22.15 7.85
C LYS B 138 -24.09 20.94 7.87
N LEU B 139 -23.61 19.76 7.45
CA LEU B 139 -24.37 18.48 7.50
C LEU B 139 -24.71 18.08 8.93
N MET B 140 -23.72 18.08 9.83
CA MET B 140 -23.83 17.60 11.23
C MET B 140 -24.88 18.43 12.00
N GLU B 141 -24.90 19.74 11.80
CA GLU B 141 -25.86 20.68 12.45
C GLU B 141 -27.27 20.41 11.88
N GLN B 142 -27.36 20.07 10.59
CA GLN B 142 -28.66 19.91 9.89
C GLN B 142 -29.34 18.60 10.33
N TYR B 143 -28.63 17.47 10.25
CA TYR B 143 -29.25 16.12 10.26
C TYR B 143 -29.07 15.41 11.61
N VAL B 144 -28.24 15.93 12.52
CA VAL B 144 -27.83 15.20 13.76
C VAL B 144 -27.92 16.11 15.00
N PHE B 145 -27.04 17.11 15.13
CA PHE B 145 -27.00 18.06 16.29
C PHE B 145 -28.41 18.62 16.50
N SER B 146 -29.14 18.78 15.39
CA SER B 146 -30.52 19.28 15.29
C SER B 146 -31.50 18.35 16.04
N THR B 147 -31.26 17.04 16.01
CA THR B 147 -32.26 15.99 16.37
C THR B 147 -32.63 16.05 17.87
N ARG B 148 -33.84 15.59 18.19
CA ARG B 148 -34.41 15.52 19.57
C ARG B 148 -33.48 14.71 20.48
N GLU B 149 -33.02 13.53 20.03
CA GLU B 149 -32.31 12.54 20.90
C GLU B 149 -30.86 12.98 21.13
N TRP B 150 -30.22 13.60 20.15
CA TRP B 150 -28.90 14.27 20.35
C TRP B 150 -29.05 15.27 21.51
N GLN B 151 -29.92 16.27 21.33
CA GLN B 151 -30.20 17.34 22.33
C GLN B 151 -30.33 16.70 23.71
N GLN B 152 -31.23 15.72 23.85
CA GLN B 152 -31.61 15.08 25.15
C GLN B 152 -30.42 14.38 25.80
N LYS B 153 -29.54 13.75 25.01
CA LYS B 153 -28.29 13.12 25.52
C LYS B 153 -27.38 14.22 26.09
N ASN B 154 -27.02 15.18 25.24
CA ASN B 154 -26.27 16.38 25.66
C ASN B 154 -26.85 16.86 27.00
N ASN B 155 -28.16 17.15 27.03
CA ASN B 155 -28.86 17.77 28.19
C ASN B 155 -28.70 16.90 29.46
N GLU B 156 -28.70 15.57 29.33
CA GLU B 156 -28.44 14.61 30.44
C GLU B 156 -27.05 14.81 31.08
N LEU B 157 -26.02 15.18 30.30
CA LEU B 157 -24.63 15.37 30.80
C LEU B 157 -24.09 16.73 30.39
N LYS B 158 -24.89 17.79 30.54
CA LYS B 158 -24.48 19.17 30.14
C LYS B 158 -23.90 19.89 31.37
N ASP B 159 -23.57 19.13 32.43
CA ASP B 159 -23.07 19.72 33.70
C ASP B 159 -21.81 18.98 34.15
N LYS B 160 -21.69 17.69 33.84
CA LYS B 160 -20.49 16.89 34.18
C LYS B 160 -19.33 17.17 33.20
N TYR B 161 -19.53 17.97 32.14
CA TYR B 161 -18.47 18.38 31.19
C TYR B 161 -17.36 19.16 31.90
N PRO B 162 -17.67 20.07 32.88
CA PRO B 162 -16.66 20.57 33.81
C PRO B 162 -15.86 19.46 34.51
N LEU B 163 -16.51 18.63 35.32
CA LEU B 163 -15.83 17.61 36.17
C LEU B 163 -14.93 16.72 35.30
N TRP B 164 -15.38 16.37 34.09
CA TRP B 164 -14.70 15.44 33.16
C TRP B 164 -13.54 16.09 32.41
N SER B 165 -13.71 17.30 31.87
CA SER B 165 -12.62 18.16 31.34
C SER B 165 -11.41 18.19 32.30
N ARG B 166 -11.64 18.40 33.60
CA ARG B 166 -10.58 18.40 34.65
C ARG B 166 -9.94 17.02 34.80
N LEU B 167 -10.76 15.96 34.98
CA LEU B 167 -10.26 14.59 35.25
C LEU B 167 -9.65 13.99 33.98
N THR B 168 -10.31 14.17 32.84
CA THR B 168 -9.86 13.72 31.49
C THR B 168 -8.60 14.47 31.08
N GLY B 169 -8.58 15.78 31.30
CA GLY B 169 -7.47 16.66 30.91
C GLY B 169 -7.73 17.32 29.56
N ILE B 170 -8.57 16.72 28.72
CA ILE B 170 -8.96 17.27 27.39
C ILE B 170 -10.35 17.90 27.56
N ASN B 171 -10.56 19.16 27.18
CA ASN B 171 -11.76 19.92 27.60
C ASN B 171 -12.99 19.47 26.78
N ILE B 172 -14.17 19.50 27.42
CA ILE B 172 -15.47 19.01 26.87
C ILE B 172 -16.54 20.11 27.00
N ASP B 173 -17.04 20.65 25.87
CA ASP B 173 -18.10 21.71 25.80
C ASP B 173 -19.44 21.10 25.30
N ASN B 174 -19.40 20.04 24.49
CA ASN B 174 -20.60 19.40 23.89
C ASN B 174 -20.34 17.90 23.72
N LEU B 175 -21.36 17.17 23.29
CA LEU B 175 -21.32 15.68 23.16
C LEU B 175 -20.27 15.24 22.14
N GLY B 176 -20.10 15.99 21.04
CA GLY B 176 -19.11 15.69 19.98
C GLY B 176 -17.70 15.59 20.54
N ASP B 177 -17.30 16.56 21.37
CA ASP B 177 -16.02 16.58 22.15
C ASP B 177 -15.91 15.32 23.03
N LEU B 178 -17.04 14.78 23.48
CA LEU B 178 -17.09 13.60 24.40
C LEU B 178 -16.79 12.31 23.64
N GLU B 179 -17.25 12.19 22.38
CA GLU B 179 -17.08 10.98 21.52
C GLU B 179 -15.61 10.50 21.61
N THR B 180 -14.69 11.36 21.19
CA THR B 180 -13.21 11.09 21.10
C THR B 180 -12.65 10.57 22.45
N VAL B 181 -13.10 11.09 23.59
CA VAL B 181 -12.61 10.69 24.95
C VAL B 181 -13.15 9.31 25.33
N GLY B 182 -14.44 9.06 25.10
CA GLY B 182 -15.09 7.80 25.50
C GLY B 182 -14.46 6.63 24.77
N HIS B 183 -14.16 6.81 23.49
CA HIS B 183 -13.56 5.74 22.67
C HIS B 183 -12.19 5.37 23.25
N THR B 184 -11.37 6.36 23.59
CA THR B 184 -10.06 6.17 24.28
C THR B 184 -10.26 5.43 25.61
N LEU B 185 -11.28 5.79 26.41
CA LEU B 185 -11.58 5.11 27.69
C LEU B 185 -11.96 3.64 27.43
N TYR B 186 -12.69 3.38 26.34
CA TYR B 186 -13.14 2.01 25.97
C TYR B 186 -11.91 1.14 25.74
N ILE B 187 -10.92 1.70 25.05
CA ILE B 187 -9.67 0.98 24.66
C ILE B 187 -8.88 0.73 25.95
N HIS B 188 -8.78 1.74 26.80
CA HIS B 188 -8.18 1.62 28.16
C HIS B 188 -8.82 0.44 28.89
N GLN B 189 -10.14 0.24 28.76
CA GLN B 189 -10.86 -0.89 29.41
C GLN B 189 -10.36 -2.22 28.85
N ILE B 190 -10.27 -2.33 27.52
CA ILE B 190 -9.95 -3.63 26.84
C ILE B 190 -8.56 -4.04 27.27
N HIS B 191 -7.61 -3.10 27.39
CA HIS B 191 -6.16 -3.40 27.63
C HIS B 191 -5.76 -3.27 29.10
N ASN B 192 -6.72 -3.01 30.01
CA ASN B 192 -6.46 -2.88 31.46
C ASN B 192 -5.48 -1.73 31.67
N ALA B 193 -5.62 -0.69 30.87
CA ALA B 193 -4.81 0.54 30.98
C ALA B 193 -5.43 1.41 32.06
N PRO B 194 -4.59 2.13 32.83
CA PRO B 194 -5.05 3.01 33.90
C PRO B 194 -6.00 4.12 33.43
N MET B 195 -7.02 4.44 34.22
CA MET B 195 -8.02 5.50 33.90
C MET B 195 -7.60 6.80 34.57
N PRO B 196 -8.13 7.96 34.10
CA PRO B 196 -7.87 9.24 34.77
C PRO B 196 -8.18 9.10 36.26
N GLU B 197 -7.23 9.46 37.13
CA GLU B 197 -7.44 9.35 38.60
C GLU B 197 -8.65 10.21 38.95
N GLY B 198 -9.56 9.66 39.78
CA GLY B 198 -10.74 10.37 40.33
C GLY B 198 -12.01 10.08 39.56
N LEU B 199 -11.91 9.56 38.33
CA LEU B 199 -13.06 9.33 37.41
C LEU B 199 -13.80 8.11 37.92
N ALA B 200 -15.07 8.29 38.31
CA ALA B 200 -15.93 7.23 38.90
C ALA B 200 -16.06 6.06 37.93
N SER B 201 -16.13 4.83 38.45
CA SER B 201 -16.47 3.62 37.66
C SER B 201 -17.75 3.86 36.85
N ASN B 202 -18.80 4.35 37.52
CA ASN B 202 -20.13 4.56 36.90
C ASN B 202 -20.00 5.57 35.75
N ASP B 203 -19.19 6.62 35.92
CA ASP B 203 -18.96 7.72 34.93
C ASP B 203 -18.18 7.20 33.72
N ILE B 204 -17.30 6.23 33.90
CA ILE B 204 -16.55 5.54 32.80
C ILE B 204 -17.55 5.01 31.76
N GLU B 205 -18.39 4.03 32.15
CA GLU B 205 -19.44 3.43 31.28
C GLU B 205 -20.25 4.53 30.59
N THR B 206 -20.67 5.57 31.32
CA THR B 206 -21.49 6.68 30.77
C THR B 206 -20.73 7.25 29.57
N ILE B 207 -19.46 7.64 29.76
CA ILE B 207 -18.69 8.36 28.71
C ILE B 207 -18.51 7.40 27.53
N ILE B 208 -18.29 6.12 27.81
CA ILE B 208 -18.10 5.06 26.77
C ILE B 208 -19.40 4.86 25.99
N ASN B 209 -20.51 4.56 26.70
CA ASN B 209 -21.81 4.25 26.06
C ASN B 209 -22.33 5.50 25.32
N SER B 210 -22.02 6.71 25.83
CA SER B 210 -22.37 8.01 25.22
C SER B 210 -21.51 8.27 23.98
N ALA B 211 -20.23 7.90 24.02
CA ALA B 211 -19.28 8.10 22.90
C ALA B 211 -19.70 7.23 21.70
N GLU B 212 -20.00 5.95 21.93
CA GLU B 212 -20.56 5.01 20.93
C GLU B 212 -21.86 5.60 20.35
N TRP B 213 -22.84 5.89 21.21
CA TRP B 213 -24.17 6.42 20.80
C TRP B 213 -23.97 7.57 19.81
N ALA B 214 -23.19 8.59 20.21
CA ALA B 214 -23.00 9.87 19.49
C ALA B 214 -22.30 9.61 18.17
N PHE B 215 -21.38 8.65 18.16
CA PHE B 215 -20.62 8.26 16.94
C PHE B 215 -21.61 7.68 15.92
N MET B 216 -22.56 6.89 16.41
CA MET B 216 -23.54 6.13 15.60
C MET B 216 -24.67 7.08 15.11
N ALA B 217 -24.99 8.08 15.93
CA ALA B 217 -26.02 9.13 15.65
C ALA B 217 -25.58 9.97 14.43
N GLN B 218 -24.27 10.03 14.20
CA GLN B 218 -23.69 10.86 13.12
C GLN B 218 -23.60 10.06 11.83
N GLU B 219 -23.77 8.73 11.88
CA GLU B 219 -23.83 7.88 10.65
C GLU B 219 -25.27 7.63 10.24
N LYS B 220 -26.22 7.66 11.19
CA LYS B 220 -27.61 7.17 10.99
C LYS B 220 -28.23 7.84 9.78
N PRO B 221 -28.20 9.19 9.64
CA PRO B 221 -28.95 9.87 8.58
C PRO B 221 -28.47 9.44 7.19
N GLN B 222 -29.40 9.06 6.32
CA GLN B 222 -29.11 8.56 4.94
C GLN B 222 -28.46 9.68 4.11
N GLN B 223 -28.87 10.94 4.33
CA GLN B 223 -28.33 12.14 3.63
C GLN B 223 -26.81 12.21 3.85
N ILE B 224 -26.37 12.00 5.10
CA ILE B 224 -24.93 11.96 5.50
C ILE B 224 -24.25 10.83 4.72
N ALA B 225 -24.79 9.61 4.88
CA ALA B 225 -24.24 8.39 4.26
C ALA B 225 -24.09 8.60 2.74
N ASN B 226 -25.01 9.33 2.09
CA ASN B 226 -24.99 9.53 0.62
C ASN B 226 -23.75 10.33 0.25
N VAL B 227 -23.53 11.45 0.93
CA VAL B 227 -22.34 12.33 0.70
C VAL B 227 -21.04 11.51 0.85
N TYR B 228 -20.96 10.63 1.86
CA TYR B 228 -19.69 10.03 2.36
C TYR B 228 -19.37 8.68 1.68
N SER B 229 -20.38 7.96 1.19
CA SER B 229 -20.25 6.55 0.70
C SER B 229 -20.75 6.35 -0.74
N SER B 230 -21.13 7.42 -1.46
CA SER B 230 -21.61 7.37 -2.86
C SER B 230 -20.53 6.76 -3.74
N LYS B 231 -19.33 7.34 -3.66
CA LYS B 231 -18.17 6.92 -4.48
C LYS B 231 -17.97 5.42 -4.26
N LEU B 232 -17.80 5.04 -3.01
CA LEU B 232 -17.51 3.64 -2.57
C LEU B 232 -18.60 2.71 -3.09
N MET B 233 -19.86 3.14 -3.00
CA MET B 233 -21.03 2.31 -3.34
C MET B 233 -21.18 2.22 -4.85
N THR B 234 -20.88 3.32 -5.55
CA THR B 234 -20.80 3.38 -7.04
C THR B 234 -19.76 2.34 -7.46
N ASN B 235 -18.63 2.26 -6.75
CA ASN B 235 -17.50 1.36 -7.11
C ASN B 235 -17.86 -0.09 -6.83
N ILE B 236 -18.49 -0.38 -5.70
CA ILE B 236 -18.84 -1.78 -5.34
C ILE B 236 -19.90 -2.25 -6.33
N ALA B 237 -20.93 -1.42 -6.53
CA ALA B 237 -21.93 -1.56 -7.60
C ALA B 237 -21.23 -1.99 -8.90
N ASP B 238 -20.23 -1.22 -9.40
CA ASP B 238 -19.59 -1.49 -10.72
C ASP B 238 -18.83 -2.83 -10.66
N TYR B 239 -18.10 -3.08 -9.58
CA TYR B 239 -17.36 -4.35 -9.33
C TYR B 239 -18.32 -5.54 -9.53
N LEU B 240 -19.48 -5.48 -8.87
CA LEU B 240 -20.53 -6.54 -8.89
C LEU B 240 -21.14 -6.64 -10.31
N ASN B 241 -21.43 -5.50 -10.94
CA ASN B 241 -21.93 -5.48 -12.34
C ASN B 241 -20.93 -6.17 -13.28
N SER B 242 -19.61 -5.92 -13.14
CA SER B 242 -18.57 -6.49 -14.04
C SER B 242 -18.37 -7.96 -13.69
N GLY B 243 -18.59 -8.28 -12.41
CA GLY B 243 -18.63 -9.67 -11.92
C GLY B 243 -19.68 -10.47 -12.64
N SER B 244 -20.87 -9.87 -12.83
CA SER B 244 -22.07 -10.54 -13.40
C SER B 244 -21.86 -10.89 -14.89
N MET B 245 -20.88 -10.25 -15.56
CA MET B 245 -20.63 -10.42 -17.01
C MET B 245 -19.80 -11.69 -17.24
N LYS B 246 -19.01 -12.12 -16.25
CA LYS B 246 -18.31 -13.45 -16.22
C LYS B 246 -17.31 -13.57 -17.37
N LYS B 247 -16.67 -12.44 -17.69
CA LYS B 247 -15.57 -12.28 -18.69
C LYS B 247 -14.24 -12.22 -17.93
N SER B 248 -14.10 -11.17 -17.11
CA SER B 248 -12.90 -10.78 -16.31
C SER B 248 -12.48 -11.89 -15.31
N LYS B 249 -11.17 -12.03 -15.13
CA LYS B 249 -10.53 -13.01 -14.21
C LYS B 249 -10.93 -12.67 -12.76
N LEU B 250 -11.31 -11.41 -12.53
CA LEU B 250 -11.53 -10.78 -11.20
C LEU B 250 -12.85 -11.24 -10.56
N LYS B 251 -12.75 -11.84 -9.36
CA LYS B 251 -13.88 -12.47 -8.61
C LYS B 251 -14.08 -11.82 -7.24
N TYR B 252 -13.09 -11.10 -6.71
CA TYR B 252 -13.04 -10.70 -5.27
C TYR B 252 -12.35 -9.35 -5.09
N VAL B 253 -13.00 -8.45 -4.36
CA VAL B 253 -12.45 -7.12 -3.97
C VAL B 253 -12.49 -7.05 -2.45
N LEU B 254 -11.32 -6.85 -1.83
CA LEU B 254 -11.20 -6.65 -0.38
C LEU B 254 -10.81 -5.19 -0.16
N LEU B 255 -11.64 -4.48 0.62
CA LEU B 255 -11.45 -3.06 0.96
C LEU B 255 -11.15 -2.95 2.46
N SER B 256 -9.94 -2.50 2.81
CA SER B 256 -9.48 -2.40 4.22
C SER B 256 -9.92 -1.06 4.80
N ALA B 257 -11.17 -0.98 5.26
CA ALA B 257 -11.80 0.28 5.71
C ALA B 257 -11.73 0.30 7.25
N HIS B 258 -12.58 1.13 7.88
CA HIS B 258 -12.69 1.23 9.36
C HIS B 258 -14.16 1.10 9.81
N ALA B 259 -14.45 1.52 11.04
CA ALA B 259 -15.81 1.50 11.62
C ALA B 259 -16.72 2.41 10.81
N THR B 260 -16.28 3.66 10.57
CA THR B 260 -17.06 4.73 9.86
C THR B 260 -17.51 4.22 8.49
N THR B 261 -16.58 3.62 7.74
CA THR B 261 -16.84 3.01 6.40
C THR B 261 -18.01 2.05 6.53
N ILE B 262 -17.97 1.16 7.51
CA ILE B 262 -19.01 0.10 7.69
C ILE B 262 -20.34 0.75 8.07
N ALA B 263 -20.33 1.62 9.07
CA ALA B 263 -21.54 2.31 9.60
C ALA B 263 -22.16 3.22 8.53
N SER B 264 -21.33 3.88 7.71
CA SER B 264 -21.77 4.79 6.63
C SER B 264 -22.44 3.99 5.52
N VAL B 265 -21.89 2.82 5.20
CA VAL B 265 -22.43 1.94 4.12
C VAL B 265 -23.83 1.46 4.49
N LEU B 266 -23.98 0.88 5.68
CA LEU B 266 -25.24 0.26 6.15
C LEU B 266 -26.32 1.35 6.27
N SER B 267 -25.97 2.47 6.90
CA SER B 267 -26.77 3.72 6.93
C SER B 267 -27.18 4.13 5.50
N PHE B 268 -26.30 3.96 4.50
CA PHE B 268 -26.56 4.29 3.07
C PHE B 268 -27.61 3.32 2.52
N LEU B 269 -27.53 2.05 2.92
CA LEU B 269 -28.42 0.94 2.44
C LEU B 269 -29.74 1.00 3.20
N GLY B 270 -29.91 2.03 4.05
CA GLY B 270 -31.13 2.23 4.85
C GLY B 270 -31.27 1.19 5.94
N ALA B 271 -30.15 0.73 6.50
CA ALA B 271 -30.11 -0.16 7.69
C ALA B 271 -29.06 0.36 8.68
N PRO B 272 -29.21 1.62 9.21
CA PRO B 272 -28.22 2.19 10.12
C PRO B 272 -28.03 1.31 11.37
N LEU B 273 -26.81 1.22 11.88
CA LEU B 273 -26.48 0.43 13.10
C LEU B 273 -26.84 1.27 14.34
N GLU B 274 -27.40 0.60 15.37
CA GLU B 274 -27.56 1.12 16.75
C GLU B 274 -26.20 0.99 17.45
N LYS B 275 -25.55 -0.17 17.33
CA LYS B 275 -24.26 -0.54 18.00
C LYS B 275 -23.07 -0.35 17.04
N SER B 276 -21.91 0.09 17.59
CA SER B 276 -20.60 0.31 16.91
C SER B 276 -20.11 -0.98 16.25
N PRO B 277 -19.50 -0.93 15.03
CA PRO B 277 -18.93 -2.12 14.43
C PRO B 277 -17.76 -2.60 15.28
N PRO B 278 -17.73 -3.89 15.69
CA PRO B 278 -16.61 -4.40 16.46
C PRO B 278 -15.33 -4.33 15.63
N TYR B 279 -14.17 -4.58 16.26
CA TYR B 279 -12.93 -4.91 15.54
C TYR B 279 -13.20 -6.14 14.65
N ALA B 280 -12.53 -6.22 13.48
CA ALA B 280 -12.58 -7.36 12.54
C ALA B 280 -14.01 -7.56 12.03
N SER B 281 -14.78 -6.48 11.91
CA SER B 281 -16.14 -6.47 11.31
C SER B 281 -16.04 -6.54 9.78
N ASN B 282 -17.07 -7.09 9.12
CA ASN B 282 -17.15 -7.06 7.63
C ASN B 282 -18.61 -6.87 7.22
N VAL B 283 -18.82 -5.95 6.28
CA VAL B 283 -20.01 -5.93 5.39
C VAL B 283 -19.59 -6.70 4.15
N ASN B 284 -20.42 -7.66 3.75
CA ASN B 284 -20.10 -8.60 2.66
C ASN B 284 -21.15 -8.46 1.56
N PHE B 285 -20.70 -8.43 0.31
CA PHE B 285 -21.59 -8.42 -0.86
C PHE B 285 -21.28 -9.68 -1.65
N SER B 286 -22.20 -10.63 -1.67
CA SER B 286 -22.09 -11.88 -2.44
C SER B 286 -23.04 -11.81 -3.65
N LEU B 287 -22.46 -11.92 -4.86
CA LEU B 287 -23.22 -11.97 -6.14
C LEU B 287 -23.46 -13.44 -6.46
N TYR B 288 -24.74 -13.84 -6.55
CA TYR B 288 -25.20 -15.19 -6.96
C TYR B 288 -25.82 -15.18 -8.36
N ASP B 289 -25.35 -16.12 -9.18
CA ASP B 289 -25.89 -16.53 -10.50
C ASP B 289 -26.78 -17.75 -10.25
N ASN B 290 -28.03 -17.70 -10.73
CA ASN B 290 -29.03 -18.80 -10.59
C ASN B 290 -29.01 -19.67 -11.85
N GLY B 291 -28.09 -19.41 -12.77
CA GLY B 291 -27.91 -20.21 -14.00
C GLY B 291 -28.88 -19.77 -15.10
N ALA B 292 -29.77 -18.81 -14.79
CA ALA B 292 -30.86 -18.32 -15.66
C ALA B 292 -30.84 -16.80 -15.70
N ASN B 293 -29.66 -16.19 -15.60
CA ASN B 293 -29.42 -14.74 -15.83
C ASN B 293 -30.23 -13.90 -14.83
N TYR B 294 -30.55 -14.46 -13.66
CA TYR B 294 -31.12 -13.73 -12.51
C TYR B 294 -29.99 -13.53 -11.49
N TYR B 295 -29.40 -12.34 -11.46
CA TYR B 295 -28.22 -11.99 -10.64
C TYR B 295 -28.72 -11.40 -9.32
N THR B 296 -28.39 -12.05 -8.20
CA THR B 296 -28.83 -11.61 -6.84
C THR B 296 -27.63 -11.21 -5.99
N VAL B 297 -27.77 -10.14 -5.21
CA VAL B 297 -26.73 -9.78 -4.20
C VAL B 297 -27.35 -9.95 -2.80
N LYS B 298 -26.72 -10.84 -2.04
CA LYS B 298 -26.92 -11.11 -0.60
C LYS B 298 -25.93 -10.21 0.17
N ILE B 299 -26.43 -9.24 0.92
CA ILE B 299 -25.58 -8.35 1.76
C ILE B 299 -25.70 -8.86 3.20
N THR B 300 -24.58 -9.08 3.86
CA THR B 300 -24.53 -9.54 5.27
C THR B 300 -23.55 -8.65 6.04
N TYR B 301 -23.83 -8.46 7.32
CA TYR B 301 -22.96 -7.70 8.27
C TYR B 301 -22.63 -8.64 9.43
N ASN B 302 -21.35 -8.94 9.65
CA ASN B 302 -20.86 -10.00 10.59
C ASN B 302 -21.81 -11.21 10.56
N GLY B 303 -22.12 -11.75 9.37
CA GLY B 303 -22.82 -13.03 9.17
C GLY B 303 -24.34 -12.93 9.16
N ASN B 304 -24.93 -11.83 9.66
CA ASN B 304 -26.41 -11.62 9.78
C ASN B 304 -26.97 -10.88 8.56
N PRO B 305 -28.07 -11.38 7.95
CA PRO B 305 -28.63 -10.71 6.78
C PRO B 305 -28.98 -9.25 7.12
N VAL B 306 -28.49 -8.31 6.33
CA VAL B 306 -28.87 -6.87 6.42
C VAL B 306 -30.22 -6.73 5.72
N SER B 307 -31.21 -6.08 6.32
CA SER B 307 -32.52 -5.86 5.65
C SER B 307 -32.55 -4.47 5.00
N ILE B 308 -32.44 -4.45 3.67
CA ILE B 308 -32.48 -3.22 2.83
C ILE B 308 -33.96 -2.97 2.52
N PRO B 309 -34.56 -1.86 3.01
CA PRO B 309 -35.91 -1.47 2.60
C PRO B 309 -36.16 -1.55 1.08
N ALA B 310 -35.29 -0.92 0.29
CA ALA B 310 -35.42 -0.79 -1.18
C ALA B 310 -35.41 -2.17 -1.87
N CYS B 311 -35.04 -3.23 -1.14
CA CYS B 311 -35.02 -4.64 -1.64
C CYS B 311 -35.98 -5.53 -0.83
N GLY B 312 -36.59 -4.98 0.23
CA GLY B 312 -37.48 -5.69 1.15
C GLY B 312 -36.83 -6.92 1.79
N GLY B 313 -35.54 -6.81 2.14
CA GLY B 313 -34.78 -7.88 2.80
C GLY B 313 -33.29 -7.85 2.46
N SER B 314 -32.61 -8.98 2.70
CA SER B 314 -31.14 -9.16 2.57
C SER B 314 -30.71 -9.53 1.15
N VAL B 315 -31.65 -9.92 0.28
CA VAL B 315 -31.42 -10.27 -1.16
C VAL B 315 -31.91 -9.09 -2.00
N CYS B 316 -31.00 -8.47 -2.75
CA CYS B 316 -31.29 -7.48 -3.80
C CYS B 316 -31.04 -8.15 -5.14
N GLU B 317 -31.93 -7.94 -6.11
CA GLU B 317 -31.62 -8.15 -7.56
C GLU B 317 -30.46 -7.19 -7.91
N LEU B 318 -29.56 -7.58 -8.83
CA LEU B 318 -28.33 -6.82 -9.20
C LEU B 318 -28.70 -5.41 -9.60
N GLN B 319 -29.71 -5.27 -10.45
CA GLN B 319 -30.15 -3.96 -11.00
C GLN B 319 -30.84 -3.16 -9.88
N GLN B 320 -31.57 -3.81 -8.98
CA GLN B 320 -32.19 -3.13 -7.81
C GLN B 320 -31.11 -2.39 -7.01
N LEU B 321 -29.97 -3.05 -6.80
CA LEU B 321 -28.84 -2.51 -6.02
C LEU B 321 -28.20 -1.34 -6.78
N ILE B 322 -27.97 -1.49 -8.09
CA ILE B 322 -27.40 -0.40 -8.94
C ILE B 322 -28.37 0.78 -8.93
N ASN B 323 -29.69 0.56 -8.94
CA ASN B 323 -30.73 1.62 -8.95
C ASN B 323 -30.64 2.41 -7.64
N LEU B 324 -30.66 1.69 -6.52
CA LEU B 324 -30.56 2.22 -5.13
C LEU B 324 -29.30 3.08 -4.98
N VAL B 325 -28.20 2.71 -5.62
CA VAL B 325 -26.97 3.53 -5.65
C VAL B 325 -27.22 4.79 -6.50
N HIS B 326 -27.89 4.71 -7.65
CA HIS B 326 -28.09 5.87 -8.58
C HIS B 326 -29.21 6.79 -8.05
#